data_6KC7
#
_entry.id   6KC7
#
_cell.length_a   235.579
_cell.length_b   72.513
_cell.length_c   115.154
_cell.angle_alpha   90.00
_cell.angle_beta   104.67
_cell.angle_gamma   90.00
#
_symmetry.space_group_name_H-M   'C 1 2 1'
#
loop_
_entity.id
_entity.type
_entity.pdbx_description
1 polymer 'CRISPR-associated endonuclease Cas9'
2 polymer sgRNA
3 polymer "DNA (5'-D(*TP*AP*AP*AP*AP*TP*CP*AP*TP*AP*TP*GP*TP*AP*AP*AP*GP*TP*T)-3')"
4 polymer "DNA (5'-D(*AP*TP*AP*TP*GP*AP*TP*TP*TP*TP*A)-3')"
#
loop_
_entity_poly.entity_id
_entity_poly.type
_entity_poly.pdbx_seq_one_letter_code
_entity_poly.pdbx_strand_id
1 'polypeptide(L)'
;SMAAFKPNSINYILGLDIGIASVGWAMVEIDEEENPIRLIDLGVRVFERAEVPKTGDSLAMARRLARSVRRLTRRRAHRL
LRTRRLLKREGVLQAANFDENGLIKSLPNTPWQLRAAALDRKLTPLEWSAVLLHLIKHRGYLSQRKNEGETADKELGALL
KGVAGNAHALQTGDFRTPAELALNKFEKESGHIRNQRSDYSHTFSRKDLQAELILLFEKQKEFGNPHVSGGLKEGIETLL
MTQRPALSGDAVQKMLGHCTFEPAEPKAAKNTYTAERFIWLTKLNNLRILEQGSERPLTDTERATLMDEPYRKSKLTYAQ
ARKLLGLEDTAFFKGLRYGKDNAEASTLMEMKAYHAISRALEKEGLKDKKSPLNLSPELQDEIGTAFSLFKTDEDITGRL
KDRIQPEILEALLKHISFDKFVQISLKALRRIVPLMEQGKRYDEACAEIYGDHYGKKNTEEKIYLPPIPADEIRNPVVLR
ALSQARKVINGVVRRYGSPARIHIETAREVGKSFKDRKEIEKRQEENRKDREKAAAKFREYFPNFVGEPKSKDILKLRLY
EQQHGKCLYSGKEINLGRLNEKGYVEIDAALPFSRTWDDSFNNKVLVLGSENQNKGNQTPYEYFNGKDNSREWQEFKARV
ETSRFPRSKKQRILLQKFDEDGFKERNLNDTRYVNRFLCQFVADRMRLTGKGKKRVFASNGQITNLLRGFWGLRKVRAEN
DRHHALDAVVVACSTVAMQQKITRFVRYKEMNAFDGKTIDKETGEVLHQKTHFPQPWEFFAQEVMIRVFGKPDGKPEFEE
ADTLEKLRTLLAEKLSSRPEAVHEYVTPLFVSRAPNRKMSGQGHMETVKSAKRLDEGVSVLRVPLTQLKLKDLEKMVNRE
REPKLYEALKARLEAHKDDPAKAFAEPFYKYDKAGNRTQQVKAVRVEQVQKTGVWVRNHNGIADNATMVRVDVFEKGDKY
YLVPIYSWQVAKGILPDRAVVQGKDEEDWQLIDDSFNFKFSLHPNDLVEVITKKARMFGYFASCHRGTGNINIRIHDLDH
KIGKNGILEGIGVKTALSFQKYQIDELGKEIRPCRLKKRPPVR
;
A
2 'polyribonucleotide'
;GGUCACUCUGCUAUUUAACUUUACGUUGUAGCUCCCUUUCUCGAAAGAGAACCGUUGCUACAAUAAGGCCGUCUGAAAAG
AUGUGCCGCAACGCUCUGCCCCUUAAAGCUCCUGCUUUAAGGGGCAUCGUUUAUC
;
B
3 'polydeoxyribonucleotide' (DT)(DA)(DA)(DA)(DA)(DT)(DC)(DA)(DT)(DA)(DT)(DG)(DT)(DA)(DA)(DA)(DG)(DT)(DT) C
4 'polydeoxyribonucleotide' (DA)(DT)(DA)(DT)(DG)(DA)(DT)(DT)(DT)(DT)(DA) D
#
loop_
_chem_comp.id
_chem_comp.type
_chem_comp.name
_chem_comp.formula
A RNA linking ADENOSINE-5'-MONOPHOSPHATE 'C10 H14 N5 O7 P'
C RNA linking CYTIDINE-5'-MONOPHOSPHATE 'C9 H14 N3 O8 P'
DA DNA linking 2'-DEOXYADENOSINE-5'-MONOPHOSPHATE 'C10 H14 N5 O6 P'
DC DNA linking 2'-DEOXYCYTIDINE-5'-MONOPHOSPHATE 'C9 H14 N3 O7 P'
DG DNA linking 2'-DEOXYGUANOSINE-5'-MONOPHOSPHATE 'C10 H14 N5 O7 P'
DT DNA linking THYMIDINE-5'-MONOPHOSPHATE 'C10 H15 N2 O8 P'
G RNA linking GUANOSINE-5'-MONOPHOSPHATE 'C10 H14 N5 O8 P'
U RNA linking URIDINE-5'-MONOPHOSPHATE 'C9 H13 N2 O9 P'
#
# COMPACT_ATOMS: atom_id res chain seq x y z
N SER A 9 12.94 15.05 36.06
CA SER A 9 12.08 14.35 35.09
C SER A 9 10.80 15.15 34.91
N ILE A 10 9.97 14.78 33.93
CA ILE A 10 8.83 15.61 33.55
C ILE A 10 7.52 14.83 33.56
N ASN A 11 6.46 15.57 33.90
CA ASN A 11 5.06 15.22 33.70
C ASN A 11 4.66 15.69 32.31
N TYR A 12 4.49 14.78 31.34
CA TYR A 12 4.18 15.24 29.99
C TYR A 12 3.20 14.32 29.28
N ILE A 13 2.64 14.87 28.19
CA ILE A 13 1.67 14.20 27.34
C ILE A 13 2.30 14.09 25.96
N LEU A 14 2.38 12.88 25.43
CA LEU A 14 3.02 12.64 24.15
C LEU A 14 1.96 12.43 23.09
N GLY A 15 1.87 13.36 22.15
CA GLY A 15 0.93 13.28 21.06
C GLY A 15 1.58 12.71 19.82
N LEU A 16 0.83 11.91 19.08
CA LEU A 16 1.29 11.20 17.90
C LEU A 16 0.28 11.43 16.79
N ASP A 17 0.78 11.73 15.59
CA ASP A 17 -0.01 11.80 14.37
C ASP A 17 0.59 10.77 13.42
N ILE A 18 -0.15 9.71 13.17
CA ILE A 18 0.36 8.51 12.51
C ILE A 18 -0.16 8.46 11.08
N GLY A 19 0.74 8.23 10.13
CA GLY A 19 0.37 8.13 8.73
C GLY A 19 0.86 6.83 8.13
N ILE A 20 0.66 6.72 6.81
CA ILE A 20 1.10 5.51 6.11
C ILE A 20 2.60 5.58 5.81
N ALA A 21 3.16 6.79 5.70
CA ALA A 21 4.57 6.95 5.43
C ALA A 21 5.18 8.07 6.28
N SER A 22 4.64 8.30 7.48
CA SER A 22 5.15 9.34 8.37
C SER A 22 4.49 9.21 9.74
N VAL A 23 5.26 9.50 10.78
CA VAL A 23 4.79 9.56 12.16
C VAL A 23 5.36 10.82 12.79
N GLY A 24 4.49 11.78 13.10
CA GLY A 24 4.89 13.02 13.77
C GLY A 24 4.55 12.94 15.22
N TRP A 25 5.39 13.50 16.08
CA TRP A 25 5.17 13.40 17.52
C TRP A 25 5.50 14.72 18.18
N ALA A 26 4.93 14.92 19.36
CA ALA A 26 5.17 16.13 20.13
C ALA A 26 4.98 15.82 21.61
N MET A 27 5.57 16.65 22.46
CA MET A 27 5.47 16.48 23.90
C MET A 27 5.02 17.80 24.51
N VAL A 28 3.98 17.74 25.33
CA VAL A 28 3.39 18.91 25.94
C VAL A 28 3.28 18.68 27.43
N GLU A 29 3.82 19.61 28.22
CA GLU A 29 3.73 19.48 29.67
C GLU A 29 2.29 19.64 30.13
N ILE A 30 2.05 19.13 31.34
CA ILE A 30 0.77 19.29 32.02
C ILE A 30 1.05 19.83 33.42
N ASP A 31 0.15 20.67 33.91
CA ASP A 31 0.17 20.99 35.34
C ASP A 31 -0.63 19.93 36.10
N GLU A 32 -0.66 20.04 37.43
CA GLU A 32 -1.30 19.00 38.25
C GLU A 32 -2.72 18.70 37.78
N GLU A 33 -3.46 19.73 37.39
CA GLU A 33 -4.84 19.57 36.96
C GLU A 33 -4.95 19.37 35.45
N GLU A 34 -3.86 18.95 34.81
CA GLU A 34 -3.82 18.57 33.40
C GLU A 34 -4.26 19.70 32.46
N ASN A 35 -3.78 20.88 32.73
CA ASN A 35 -3.88 21.87 31.66
C ASN A 35 -2.60 21.88 30.86
N PRO A 36 -2.65 22.25 29.59
CA PRO A 36 -1.41 22.53 28.86
C PRO A 36 -0.70 23.75 29.39
N ILE A 37 0.61 23.64 29.63
CA ILE A 37 1.38 24.78 30.10
C ILE A 37 2.65 25.02 29.29
N ARG A 38 3.27 24.00 28.71
CA ARG A 38 4.56 24.18 28.06
C ARG A 38 4.72 23.16 26.94
N LEU A 39 5.58 23.45 25.98
CA LEU A 39 5.84 22.57 24.86
C LEU A 39 7.29 22.26 24.82
N ILE A 40 7.64 21.01 24.69
CA ILE A 40 9.04 20.69 24.72
C ILE A 40 9.64 20.36 23.38
N ASP A 41 9.59 19.09 23.03
CA ASP A 41 10.16 18.62 21.82
C ASP A 41 9.09 18.13 20.91
N LEU A 42 9.42 18.07 19.65
CA LEU A 42 8.54 17.63 18.58
C LEU A 42 9.39 17.22 17.39
N GLY A 43 8.87 16.27 16.62
CA GLY A 43 9.68 15.59 15.62
C GLY A 43 8.79 14.94 14.58
N VAL A 44 9.43 14.55 13.47
CA VAL A 44 8.79 13.75 12.45
C VAL A 44 9.70 12.56 12.16
N ARG A 45 9.07 11.47 11.70
CA ARG A 45 9.74 10.23 11.35
C ARG A 45 9.15 9.78 10.03
N VAL A 46 9.95 9.75 8.97
CA VAL A 46 9.41 9.31 7.69
C VAL A 46 10.11 8.02 7.29
N PHE A 47 9.41 7.24 6.47
CA PHE A 47 9.93 5.97 6.00
C PHE A 47 9.34 5.73 4.62
N GLU A 48 9.36 4.48 4.18
CA GLU A 48 8.69 4.05 2.96
C GLU A 48 7.54 3.14 3.34
N ARG A 49 6.36 3.47 2.84
CA ARG A 49 5.19 2.66 3.18
C ARG A 49 5.35 1.25 2.67
N ALA A 50 4.73 0.31 3.38
CA ALA A 50 4.90 -1.12 3.11
C ALA A 50 4.11 -1.62 1.90
N GLU A 51 4.28 -0.96 0.77
CA GLU A 51 3.73 -1.49 -0.48
C GLU A 51 4.42 -0.81 -1.65
N VAL A 52 4.28 -1.43 -2.82
CA VAL A 52 4.73 -0.78 -4.05
C VAL A 52 3.95 0.52 -4.23
N PRO A 53 4.61 1.67 -4.40
CA PRO A 53 3.88 2.95 -4.48
C PRO A 53 2.80 3.01 -5.54
N LYS A 54 3.15 2.72 -6.80
CA LYS A 54 2.26 3.06 -7.89
C LYS A 54 1.23 1.98 -8.18
N THR A 55 1.50 0.71 -7.86
CA THR A 55 0.58 -0.37 -8.20
C THR A 55 -0.07 -1.03 -6.99
N GLY A 56 0.21 -0.54 -5.78
CA GLY A 56 -0.49 -1.01 -4.60
C GLY A 56 -0.24 -2.45 -4.19
N ASP A 57 0.50 -3.19 -5.01
CA ASP A 57 0.82 -4.57 -4.68
C ASP A 57 1.70 -4.64 -3.44
N SER A 58 1.80 -5.84 -2.89
CA SER A 58 2.60 -6.06 -1.70
C SER A 58 4.08 -5.94 -2.02
N LEU A 59 4.89 -5.76 -0.97
CA LEU A 59 6.33 -5.67 -1.15
C LEU A 59 6.96 -7.03 -1.42
N ALA A 60 6.34 -8.10 -0.93
CA ALA A 60 6.86 -9.45 -1.14
C ALA A 60 6.36 -10.08 -2.43
N MET A 61 5.59 -9.34 -3.24
CA MET A 61 5.09 -9.89 -4.50
C MET A 61 6.25 -10.25 -5.42
N ALA A 62 7.15 -9.30 -5.69
CA ALA A 62 8.30 -9.57 -6.54
C ALA A 62 9.07 -10.79 -6.05
N ARG A 63 9.29 -10.87 -4.74
CA ARG A 63 10.08 -11.96 -4.19
C ARG A 63 9.38 -13.31 -4.35
N ARG A 64 8.06 -13.36 -4.12
CA ARG A 64 7.36 -14.63 -4.25
C ARG A 64 7.26 -15.06 -5.71
N LEU A 65 6.94 -14.14 -6.61
CA LEU A 65 6.92 -14.49 -8.03
C LEU A 65 8.29 -14.96 -8.50
N ALA A 66 9.36 -14.33 -8.02
CA ALA A 66 10.70 -14.82 -8.31
C ALA A 66 10.88 -16.24 -7.82
N ARG A 67 10.46 -16.52 -6.59
CA ARG A 67 10.59 -17.88 -6.05
C ARG A 67 9.84 -18.89 -6.91
N SER A 68 8.57 -18.60 -7.19
CA SER A 68 7.74 -19.47 -8.01
C SER A 68 8.42 -19.77 -9.34
N VAL A 69 8.93 -18.73 -9.99
CA VAL A 69 9.56 -18.92 -11.29
C VAL A 69 10.85 -19.73 -11.17
N ARG A 70 11.67 -19.43 -10.15
CA ARG A 70 12.92 -20.17 -9.96
C ARG A 70 12.63 -21.65 -9.81
N ARG A 71 11.73 -22.00 -8.91
CA ARG A 71 11.36 -23.40 -8.73
C ARG A 71 10.79 -24.01 -10.01
N LEU A 72 9.96 -23.28 -10.74
CA LEU A 72 9.41 -23.85 -11.97
C LEU A 72 10.52 -24.20 -12.94
N THR A 73 11.43 -23.26 -13.19
CA THR A 73 12.51 -23.52 -14.15
C THR A 73 13.43 -24.63 -13.67
N ARG A 74 13.80 -24.65 -12.38
CA ARG A 74 14.67 -25.73 -11.94
C ARG A 74 13.97 -27.08 -12.00
N ARG A 75 12.67 -27.13 -11.72
CA ARG A 75 11.96 -28.40 -11.78
C ARG A 75 11.81 -28.89 -13.20
N ARG A 76 11.59 -27.99 -14.13
CA ARG A 76 11.55 -28.39 -15.54
C ARG A 76 12.90 -28.87 -16.02
N ALA A 77 13.93 -28.07 -15.78
CA ALA A 77 15.29 -28.50 -16.07
C ALA A 77 15.58 -29.88 -15.52
N HIS A 78 15.36 -30.07 -14.21
CA HIS A 78 15.59 -31.36 -13.58
C HIS A 78 14.74 -32.45 -14.23
N ARG A 79 13.53 -32.13 -14.67
CA ARG A 79 12.71 -33.10 -15.38
C ARG A 79 13.42 -33.57 -16.64
N LEU A 80 13.93 -32.61 -17.42
CA LEU A 80 14.63 -32.94 -18.66
C LEU A 80 15.91 -33.70 -18.38
N LEU A 81 16.61 -33.35 -17.31
CA LEU A 81 17.81 -34.10 -16.91
C LEU A 81 17.45 -35.56 -16.62
N ARG A 82 16.42 -35.77 -15.81
CA ARG A 82 15.95 -37.11 -15.51
C ARG A 82 15.53 -37.84 -16.78
N THR A 83 14.94 -37.10 -17.72
CA THR A 83 14.48 -37.75 -18.95
C THR A 83 15.67 -38.21 -19.79
N ARG A 84 16.73 -37.40 -19.86
CA ARG A 84 17.94 -37.82 -20.57
C ARG A 84 18.58 -39.03 -19.90
N ARG A 85 18.63 -39.03 -18.55
CA ARG A 85 19.14 -40.19 -17.84
C ARG A 85 18.33 -41.44 -18.14
N LEU A 86 17.00 -41.31 -18.07
CA LEU A 86 16.11 -42.42 -18.36
C LEU A 86 16.32 -42.95 -19.77
N LEU A 87 16.48 -42.05 -20.74
CA LEU A 87 16.77 -42.45 -22.11
C LEU A 87 18.06 -43.24 -22.18
N LYS A 88 19.13 -42.72 -21.57
CA LYS A 88 20.41 -43.42 -21.62
C LYS A 88 20.30 -44.81 -21.00
N ARG A 89 19.49 -44.96 -19.96
CA ARG A 89 19.43 -46.25 -19.28
C ARG A 89 18.55 -47.26 -20.00
N GLU A 90 17.31 -46.93 -20.27
CA GLU A 90 16.46 -47.92 -20.88
C GLU A 90 16.90 -48.30 -22.23
N GLY A 91 18.10 -47.87 -22.60
CA GLY A 91 18.79 -48.30 -23.79
C GLY A 91 18.73 -47.58 -25.08
N VAL A 92 18.07 -46.44 -25.12
CA VAL A 92 17.97 -45.72 -26.38
C VAL A 92 19.31 -45.07 -26.75
N LEU A 93 20.05 -44.49 -25.77
CA LEU A 93 21.21 -43.71 -26.18
C LEU A 93 22.48 -44.31 -25.58
N GLN A 94 23.54 -44.41 -26.40
CA GLN A 94 24.87 -44.77 -25.92
C GLN A 94 25.57 -43.52 -25.39
N ALA A 95 26.87 -43.63 -25.11
CA ALA A 95 27.68 -42.51 -24.65
C ALA A 95 28.28 -41.67 -25.77
N ALA A 96 28.17 -42.13 -27.01
CA ALA A 96 28.59 -41.33 -28.15
C ALA A 96 27.53 -40.31 -28.55
N ASN A 97 26.27 -40.53 -28.16
CA ASN A 97 25.22 -39.56 -28.46
C ASN A 97 25.33 -38.34 -27.55
N PHE A 98 25.87 -38.51 -26.35
CA PHE A 98 25.99 -37.42 -25.40
C PHE A 98 27.34 -36.73 -25.58
N ASP A 99 27.42 -35.48 -25.14
CA ASP A 99 28.67 -34.72 -25.23
C ASP A 99 29.21 -34.42 -23.84
N GLU A 100 30.17 -33.49 -23.79
CA GLU A 100 30.89 -33.24 -22.55
C GLU A 100 29.97 -32.66 -21.47
N ASN A 101 29.00 -31.85 -21.86
CA ASN A 101 28.12 -31.17 -20.92
C ASN A 101 26.90 -32.00 -20.53
N GLY A 102 26.90 -33.30 -20.81
CA GLY A 102 25.75 -34.11 -20.52
C GLY A 102 24.56 -33.84 -21.41
N LEU A 103 24.79 -33.29 -22.60
CA LEU A 103 23.73 -32.91 -23.53
C LEU A 103 23.81 -33.82 -24.74
N ILE A 104 22.67 -34.40 -25.13
CA ILE A 104 22.71 -35.34 -26.26
C ILE A 104 23.17 -34.56 -27.48
N LYS A 105 24.29 -34.99 -28.05
CA LYS A 105 24.80 -34.34 -29.25
C LYS A 105 24.12 -34.90 -30.48
N SER A 106 23.95 -34.05 -31.49
CA SER A 106 23.23 -34.36 -32.73
C SER A 106 21.76 -34.65 -32.43
N LEU A 107 21.05 -33.60 -32.00
CA LEU A 107 19.60 -33.66 -31.87
C LEU A 107 18.92 -33.24 -33.17
N PRO A 108 17.96 -34.01 -33.65
CA PRO A 108 17.07 -33.48 -34.69
C PRO A 108 16.29 -32.29 -34.15
N ASN A 109 16.30 -31.20 -34.92
CA ASN A 109 15.52 -30.01 -34.58
C ASN A 109 14.19 -30.00 -35.30
N THR A 110 13.58 -31.17 -35.52
CA THR A 110 12.35 -31.27 -36.30
C THR A 110 11.37 -32.22 -35.60
N PRO A 111 10.95 -31.88 -34.38
CA PRO A 111 10.26 -32.89 -33.57
C PRO A 111 8.79 -33.07 -33.91
N TRP A 112 8.05 -32.00 -34.17
CA TRP A 112 6.62 -32.11 -34.46
C TRP A 112 6.38 -33.03 -35.66
N GLN A 113 7.10 -32.76 -36.75
CA GLN A 113 6.96 -33.55 -37.97
C GLN A 113 7.36 -34.99 -37.74
N LEU A 114 8.35 -35.23 -36.89
CA LEU A 114 8.68 -36.60 -36.52
C LEU A 114 7.53 -37.25 -35.76
N ARG A 115 6.86 -36.49 -34.89
CA ARG A 115 5.75 -37.06 -34.15
C ARG A 115 4.67 -37.53 -35.12
N ALA A 116 4.28 -36.65 -36.03
CA ALA A 116 3.28 -37.02 -37.03
C ALA A 116 3.75 -38.21 -37.86
N ALA A 117 5.02 -38.17 -38.30
CA ALA A 117 5.55 -39.28 -39.06
C ALA A 117 5.73 -40.53 -38.21
N ALA A 118 5.90 -40.31 -36.92
CA ALA A 118 6.16 -41.39 -36.01
C ALA A 118 5.06 -42.36 -35.79
N LEU A 119 3.96 -42.22 -36.49
CA LEU A 119 2.92 -43.22 -36.32
C LEU A 119 2.75 -44.01 -37.58
N ASP A 120 3.75 -43.98 -38.43
CA ASP A 120 3.76 -44.73 -39.65
C ASP A 120 5.08 -45.43 -39.77
N ARG A 121 6.09 -45.03 -39.00
CA ARG A 121 7.42 -45.62 -39.20
C ARG A 121 8.36 -45.91 -38.05
N LYS A 122 9.21 -46.89 -38.29
CA LYS A 122 10.28 -47.28 -37.37
C LYS A 122 11.31 -46.16 -37.34
N LEU A 123 11.54 -45.60 -36.15
CA LEU A 123 12.37 -44.41 -36.00
C LEU A 123 13.70 -44.81 -35.38
N THR A 124 14.76 -44.15 -35.82
CA THR A 124 16.07 -44.41 -35.22
C THR A 124 16.09 -43.87 -33.79
N PRO A 125 17.03 -44.35 -32.96
CA PRO A 125 17.01 -43.93 -31.53
C PRO A 125 17.01 -42.43 -31.32
N LEU A 126 17.72 -41.68 -32.17
CA LEU A 126 17.92 -40.26 -31.91
C LEU A 126 16.61 -39.47 -32.06
N GLU A 127 15.84 -39.75 -33.10
CA GLU A 127 14.60 -39.00 -33.29
C GLU A 127 13.51 -39.42 -32.31
N TRP A 128 13.48 -40.69 -31.93
CA TRP A 128 12.62 -41.12 -30.83
C TRP A 128 12.95 -40.31 -29.58
N SER A 129 14.25 -40.21 -29.27
CA SER A 129 14.69 -39.37 -28.16
C SER A 129 14.20 -37.94 -28.30
N ALA A 130 14.30 -37.39 -29.52
CA ALA A 130 13.93 -35.99 -29.75
C ALA A 130 12.46 -35.75 -29.43
N VAL A 131 11.56 -36.56 -30.02
CA VAL A 131 10.14 -36.46 -29.70
C VAL A 131 9.86 -36.64 -28.21
N LEU A 132 10.51 -37.60 -27.57
CA LEU A 132 10.25 -37.84 -26.15
C LEU A 132 10.64 -36.63 -25.29
N LEU A 133 11.83 -36.08 -25.54
CA LEU A 133 12.23 -34.86 -24.83
C LEU A 133 11.28 -33.71 -25.14
N HIS A 134 10.82 -33.62 -26.38
CA HIS A 134 9.90 -32.57 -26.78
C HIS A 134 8.59 -32.65 -25.98
N LEU A 135 8.04 -33.85 -25.85
CA LEU A 135 6.80 -34.00 -25.09
C LEU A 135 7.02 -33.72 -23.61
N ILE A 136 8.18 -34.08 -23.07
CA ILE A 136 8.42 -33.82 -21.65
C ILE A 136 8.56 -32.32 -21.40
N LYS A 137 9.21 -31.60 -22.32
CA LYS A 137 9.41 -30.17 -22.15
C LYS A 137 8.09 -29.40 -22.15
N HIS A 138 7.42 -29.35 -23.31
CA HIS A 138 6.10 -28.75 -23.42
C HIS A 138 5.09 -29.85 -23.11
N ARG A 139 4.65 -29.92 -21.85
CA ARG A 139 3.84 -31.03 -21.41
C ARG A 139 2.38 -30.64 -21.20
N GLY A 140 1.93 -29.58 -21.86
CA GLY A 140 0.51 -29.27 -21.81
C GLY A 140 -0.01 -28.88 -20.43
N TYR A 141 -1.33 -28.86 -20.34
CA TYR A 141 -2.08 -28.17 -19.30
C TYR A 141 -3.00 -29.12 -18.54
N LEU A 142 -3.01 -28.95 -17.21
CA LEU A 142 -3.65 -29.91 -16.32
C LEU A 142 -4.70 -29.21 -15.46
N SER A 143 -5.62 -30.01 -14.94
CA SER A 143 -6.90 -29.47 -14.47
C SER A 143 -6.75 -28.62 -13.21
N GLN A 144 -6.21 -29.21 -12.14
CA GLN A 144 -6.02 -28.52 -10.85
C GLN A 144 -7.31 -27.88 -10.33
N GLU A 155 -18.43 -18.62 -15.24
CA GLU A 155 -17.34 -19.12 -16.02
C GLU A 155 -16.91 -18.15 -17.12
N LEU A 156 -15.69 -18.32 -17.58
CA LEU A 156 -15.05 -17.50 -18.59
C LEU A 156 -13.81 -18.20 -19.10
N GLY A 157 -13.09 -17.62 -20.03
CA GLY A 157 -11.84 -18.23 -20.41
C GLY A 157 -11.00 -17.35 -21.24
N ALA A 158 -9.69 -17.57 -21.28
CA ALA A 158 -8.82 -16.83 -22.16
C ALA A 158 -7.85 -17.77 -22.79
N LEU A 159 -7.21 -18.55 -21.95
CA LEU A 159 -6.31 -19.58 -22.37
C LEU A 159 -7.12 -20.81 -22.33
N LEU A 160 -7.86 -20.98 -21.24
CA LEU A 160 -8.69 -22.11 -21.00
C LEU A 160 -9.60 -22.25 -22.16
N LYS A 161 -9.95 -21.14 -22.72
CA LYS A 161 -10.78 -21.19 -23.92
C LYS A 161 -10.03 -21.83 -25.09
N GLY A 162 -8.79 -21.42 -25.31
CA GLY A 162 -8.01 -22.00 -26.39
C GLY A 162 -7.69 -23.47 -26.17
N VAL A 163 -7.34 -23.82 -24.93
CA VAL A 163 -7.10 -25.23 -24.59
C VAL A 163 -8.32 -26.06 -24.95
N ALA A 164 -9.49 -25.65 -24.45
CA ALA A 164 -10.71 -26.41 -24.68
C ALA A 164 -11.08 -26.43 -26.15
N GLY A 165 -10.81 -25.35 -26.89
CA GLY A 165 -11.10 -25.35 -28.31
C GLY A 165 -10.27 -26.37 -29.07
N ASN A 166 -8.98 -26.44 -28.77
CA ASN A 166 -8.15 -27.46 -29.42
C ASN A 166 -8.55 -28.87 -28.98
N ALA A 167 -8.96 -29.03 -27.73
CA ALA A 167 -9.43 -30.35 -27.29
C ALA A 167 -10.67 -30.77 -28.09
N HIS A 168 -11.63 -29.84 -28.21
CA HIS A 168 -12.83 -30.09 -29.00
C HIS A 168 -12.46 -30.47 -30.43
N ALA A 169 -11.58 -29.69 -31.06
CA ALA A 169 -11.16 -30.03 -32.42
C ALA A 169 -10.53 -31.42 -32.47
N LEU A 170 -9.72 -31.76 -31.48
CA LEU A 170 -8.94 -32.98 -31.52
C LEU A 170 -9.80 -34.22 -31.41
N GLN A 171 -10.84 -34.20 -30.56
CA GLN A 171 -11.67 -35.39 -30.45
C GLN A 171 -13.15 -35.15 -30.77
N THR A 172 -13.53 -33.94 -31.16
CA THR A 172 -14.86 -33.75 -31.75
C THR A 172 -14.68 -33.30 -33.19
N GLY A 173 -13.79 -33.98 -33.89
CA GLY A 173 -13.54 -33.73 -35.29
C GLY A 173 -12.88 -34.94 -35.93
N ASP A 174 -12.25 -34.71 -37.08
CA ASP A 174 -11.69 -35.80 -37.87
C ASP A 174 -10.19 -35.97 -37.69
N PHE A 175 -9.58 -35.27 -36.74
CA PHE A 175 -8.13 -35.25 -36.60
C PHE A 175 -7.65 -36.49 -35.86
N ARG A 176 -6.44 -36.97 -36.21
CA ARG A 176 -5.91 -38.17 -35.57
C ARG A 176 -5.47 -37.90 -34.13
N THR A 177 -4.64 -36.86 -33.94
CA THR A 177 -3.83 -36.75 -32.73
C THR A 177 -3.41 -35.28 -32.58
N PRO A 178 -2.93 -34.85 -31.40
CA PRO A 178 -2.57 -33.43 -31.27
C PRO A 178 -1.42 -32.95 -32.14
N ALA A 179 -0.33 -33.67 -32.21
CA ALA A 179 0.83 -33.23 -32.99
C ALA A 179 0.56 -33.04 -34.43
N GLU A 180 -0.07 -34.05 -35.00
CA GLU A 180 -0.42 -34.01 -36.38
C GLU A 180 -1.35 -32.89 -36.67
N LEU A 181 -2.33 -32.73 -35.80
CA LEU A 181 -3.32 -31.73 -35.91
C LEU A 181 -2.70 -30.40 -35.90
N ALA A 182 -1.80 -30.20 -34.97
CA ALA A 182 -1.14 -28.96 -34.83
C ALA A 182 -0.43 -28.60 -36.01
N LEU A 183 0.34 -29.50 -36.58
CA LEU A 183 1.10 -29.13 -37.75
C LEU A 183 0.26 -28.67 -38.87
N ASN A 184 -0.74 -29.49 -39.24
CA ASN A 184 -1.48 -28.97 -40.39
C ASN A 184 -2.30 -27.77 -40.13
N LYS A 185 -3.01 -27.77 -39.02
CA LYS A 185 -3.89 -26.65 -38.79
C LYS A 185 -3.12 -25.36 -38.53
N PHE A 186 -2.04 -25.47 -37.79
CA PHE A 186 -1.40 -24.27 -37.39
C PHE A 186 -0.44 -23.77 -38.39
N GLU A 187 -0.08 -24.61 -39.33
CA GLU A 187 0.78 -24.07 -40.37
C GLU A 187 -0.05 -23.73 -41.59
N LYS A 188 -1.34 -24.02 -41.55
CA LYS A 188 -2.13 -23.68 -42.68
C LYS A 188 -2.67 -22.35 -42.42
N GLU A 189 -3.15 -22.07 -41.22
CA GLU A 189 -3.66 -20.72 -41.04
C GLU A 189 -3.03 -19.98 -39.87
N SER A 190 -1.76 -20.19 -39.62
CA SER A 190 -1.05 -19.21 -38.81
C SER A 190 0.37 -18.98 -39.29
N GLY A 191 1.04 -20.02 -39.75
CA GLY A 191 2.45 -19.94 -40.04
C GLY A 191 3.35 -20.27 -38.87
N HIS A 192 2.79 -20.58 -37.70
CA HIS A 192 3.60 -20.86 -36.53
C HIS A 192 2.86 -21.88 -35.68
N ILE A 193 3.56 -22.93 -35.27
CA ILE A 193 2.95 -23.96 -34.44
C ILE A 193 2.69 -23.43 -33.03
N ARG A 194 3.71 -22.85 -32.43
CA ARG A 194 3.65 -22.47 -31.03
C ARG A 194 2.92 -21.13 -30.86
N ASN A 195 2.49 -20.89 -29.63
CA ASN A 195 1.92 -19.60 -29.26
C ASN A 195 2.95 -18.50 -29.44
N GLN A 196 2.46 -17.28 -29.66
CA GLN A 196 3.36 -16.13 -29.57
C GLN A 196 2.56 -14.88 -29.21
N ARG A 197 3.22 -14.04 -28.40
CA ARG A 197 2.74 -12.73 -27.99
C ARG A 197 1.31 -12.80 -27.47
N SER A 198 1.17 -13.56 -26.38
CA SER A 198 0.01 -13.55 -25.51
C SER A 198 -1.24 -14.19 -26.11
N ASP A 199 -1.12 -14.84 -27.26
CA ASP A 199 -2.18 -15.71 -27.73
C ASP A 199 -2.08 -17.04 -26.99
N TYR A 200 -3.23 -17.66 -26.71
CA TYR A 200 -3.27 -18.91 -25.98
C TYR A 200 -3.94 -20.06 -26.73
N SER A 201 -4.38 -19.84 -27.97
CA SER A 201 -5.20 -20.80 -28.67
C SER A 201 -4.46 -22.06 -29.09
N HIS A 202 -3.13 -22.10 -29.02
CA HIS A 202 -2.39 -23.29 -29.43
C HIS A 202 -1.88 -24.10 -28.24
N THR A 203 -2.47 -23.89 -27.07
CA THR A 203 -2.16 -24.70 -25.91
C THR A 203 -2.74 -26.10 -26.10
N PHE A 204 -2.58 -26.95 -25.10
CA PHE A 204 -3.06 -28.32 -25.21
C PHE A 204 -3.32 -28.88 -23.81
N SER A 205 -4.31 -29.75 -23.72
CA SER A 205 -4.58 -30.46 -22.49
C SER A 205 -3.55 -31.56 -22.30
N ARG A 206 -2.93 -31.61 -21.11
CA ARG A 206 -2.01 -32.69 -20.78
C ARG A 206 -2.61 -34.06 -21.02
N LYS A 207 -3.93 -34.21 -20.86
CA LYS A 207 -4.55 -35.50 -21.13
C LYS A 207 -4.44 -35.87 -22.59
N ASP A 208 -4.53 -34.89 -23.49
CA ASP A 208 -4.40 -35.18 -24.91
C ASP A 208 -2.97 -35.50 -25.28
N LEU A 209 -2.00 -34.80 -24.67
CA LEU A 209 -0.60 -35.17 -24.86
C LEU A 209 -0.33 -36.58 -24.35
N GLN A 210 -0.95 -36.92 -23.22
CA GLN A 210 -0.83 -38.26 -22.65
C GLN A 210 -1.37 -39.31 -23.60
N ALA A 211 -2.55 -39.05 -24.17
CA ALA A 211 -3.12 -39.98 -25.15
C ALA A 211 -2.22 -40.13 -26.36
N GLU A 212 -1.71 -39.01 -26.88
CA GLU A 212 -0.76 -39.06 -28.00
C GLU A 212 0.45 -39.92 -27.64
N LEU A 213 0.94 -39.78 -26.41
CA LEU A 213 2.11 -40.56 -25.99
C LEU A 213 1.82 -42.04 -25.97
N ILE A 214 0.73 -42.46 -25.33
CA ILE A 214 0.39 -43.88 -25.32
C ILE A 214 0.21 -44.39 -26.74
N LEU A 215 -0.34 -43.56 -27.62
CA LEU A 215 -0.64 -44.02 -28.97
C LEU A 215 0.67 -44.23 -29.73
N LEU A 216 1.60 -43.29 -29.56
CA LEU A 216 2.93 -43.43 -30.14
C LEU A 216 3.65 -44.65 -29.60
N PHE A 217 3.46 -44.96 -28.31
CA PHE A 217 4.11 -46.15 -27.78
C PHE A 217 3.55 -47.40 -28.41
N GLU A 218 2.24 -47.44 -28.64
CA GLU A 218 1.65 -48.57 -29.34
C GLU A 218 2.25 -48.73 -30.74
N LYS A 219 2.37 -47.61 -31.47
CA LYS A 219 2.91 -47.72 -32.82
C LYS A 219 4.38 -48.16 -32.83
N GLN A 220 5.19 -47.64 -31.91
CA GLN A 220 6.58 -48.04 -31.90
C GLN A 220 6.74 -49.49 -31.41
N LYS A 221 5.85 -49.93 -30.52
CA LYS A 221 5.73 -51.34 -30.18
C LYS A 221 5.45 -52.17 -31.43
N GLU A 222 4.56 -51.66 -32.28
CA GLU A 222 4.11 -52.41 -33.46
C GLU A 222 5.21 -52.52 -34.50
N PHE A 223 5.88 -51.41 -34.81
CA PHE A 223 6.79 -51.39 -35.95
C PHE A 223 8.13 -52.03 -35.67
N GLY A 224 8.39 -52.48 -34.45
CA GLY A 224 9.67 -53.07 -34.14
C GLY A 224 10.71 -52.10 -33.62
N ASN A 225 10.28 -50.94 -33.12
CA ASN A 225 11.21 -50.05 -32.43
C ASN A 225 11.85 -50.81 -31.28
N PRO A 226 13.18 -50.83 -31.17
CA PRO A 226 13.81 -51.67 -30.13
C PRO A 226 13.40 -51.28 -28.72
N HIS A 227 13.45 -49.99 -28.40
CA HIS A 227 13.23 -49.50 -27.05
C HIS A 227 11.83 -48.94 -26.94
N VAL A 228 10.86 -49.84 -26.79
CA VAL A 228 9.50 -49.49 -26.40
C VAL A 228 9.14 -50.48 -25.30
N SER A 229 9.85 -50.42 -24.18
CA SER A 229 9.69 -51.37 -23.11
C SER A 229 8.66 -50.84 -22.11
N GLY A 230 8.25 -51.71 -21.19
CA GLY A 230 7.43 -51.26 -20.09
C GLY A 230 8.17 -50.25 -19.22
N GLY A 231 9.48 -50.44 -19.05
CA GLY A 231 10.25 -49.51 -18.24
C GLY A 231 10.27 -48.11 -18.83
N LEU A 232 10.59 -48.00 -20.11
CA LEU A 232 10.58 -46.67 -20.74
C LEU A 232 9.19 -46.07 -20.73
N LYS A 233 8.15 -46.89 -20.89
CA LYS A 233 6.80 -46.33 -20.89
C LYS A 233 6.45 -45.75 -19.53
N GLU A 234 6.71 -46.51 -18.45
CA GLU A 234 6.39 -45.96 -17.14
C GLU A 234 7.21 -44.71 -16.86
N GLY A 235 8.52 -44.77 -17.11
CA GLY A 235 9.34 -43.59 -16.86
C GLY A 235 8.80 -42.37 -17.58
N ILE A 236 8.55 -42.51 -18.88
CA ILE A 236 8.19 -41.36 -19.70
C ILE A 236 6.81 -40.85 -19.32
N GLU A 237 5.85 -41.76 -19.18
CA GLU A 237 4.48 -41.38 -18.84
C GLU A 237 4.42 -40.70 -17.48
N THR A 238 5.05 -41.32 -16.47
CA THR A 238 5.07 -40.71 -15.15
C THR A 238 5.70 -39.33 -15.21
N LEU A 239 6.83 -39.19 -15.91
CA LEU A 239 7.46 -37.88 -16.04
C LEU A 239 6.50 -36.87 -16.67
N LEU A 240 5.82 -37.26 -17.73
CA LEU A 240 4.90 -36.34 -18.41
C LEU A 240 3.79 -35.89 -17.47
N MET A 241 3.17 -36.82 -16.76
CA MET A 241 1.99 -36.49 -15.98
C MET A 241 2.27 -35.99 -14.57
N THR A 242 3.46 -36.22 -14.02
CA THR A 242 3.69 -35.97 -12.61
C THR A 242 4.03 -34.51 -12.36
N GLN A 243 3.28 -33.91 -11.44
CA GLN A 243 3.59 -32.58 -10.92
C GLN A 243 3.15 -32.56 -9.46
N ARG A 244 3.85 -31.77 -8.65
CA ARG A 244 3.59 -31.77 -7.22
C ARG A 244 2.14 -31.39 -6.94
N PRO A 245 1.46 -32.12 -6.06
CA PRO A 245 0.07 -31.77 -5.75
C PRO A 245 0.01 -30.61 -4.77
N ALA A 246 -0.92 -29.70 -5.03
CA ALA A 246 -1.13 -28.58 -4.14
C ALA A 246 -1.53 -29.07 -2.75
N LEU A 247 -0.89 -28.49 -1.74
CA LEU A 247 -1.11 -28.76 -0.31
C LEU A 247 -2.37 -29.54 0.06
N PRO A 266 -1.71 -28.33 16.41
CA PRO A 266 -2.71 -28.61 17.43
C PRO A 266 -3.71 -27.48 17.52
N LYS A 267 -3.69 -26.60 16.53
CA LYS A 267 -4.59 -25.47 16.53
C LYS A 267 -5.92 -25.93 16.04
N ALA A 268 -6.93 -25.16 16.34
CA ALA A 268 -8.30 -25.54 16.02
C ALA A 268 -8.83 -25.36 14.63
N ALA A 269 -9.27 -26.43 14.01
CA ALA A 269 -9.89 -26.26 12.73
C ALA A 269 -11.24 -25.68 13.05
N LYS A 270 -11.72 -24.73 12.29
CA LYS A 270 -13.01 -24.17 12.62
C LYS A 270 -14.23 -25.07 12.51
N ASN A 271 -14.46 -25.71 11.38
CA ASN A 271 -15.65 -26.53 11.20
C ASN A 271 -15.62 -27.69 12.20
N THR A 272 -15.79 -27.31 13.47
CA THR A 272 -15.78 -28.23 14.59
C THR A 272 -16.79 -27.73 15.62
N TYR A 273 -17.45 -28.67 16.29
CA TYR A 273 -18.39 -28.31 17.35
C TYR A 273 -17.77 -27.35 18.36
N THR A 274 -16.50 -27.58 18.71
CA THR A 274 -15.81 -26.70 19.66
C THR A 274 -15.59 -25.30 19.11
N ALA A 275 -15.47 -25.18 17.79
CA ALA A 275 -15.16 -23.88 17.18
C ALA A 275 -16.42 -23.09 16.80
N GLU A 276 -17.43 -23.76 16.24
CA GLU A 276 -18.65 -23.06 15.85
C GLU A 276 -19.44 -22.58 17.07
N ARG A 277 -19.49 -23.41 18.13
CA ARG A 277 -20.10 -22.96 19.38
C ARG A 277 -19.38 -21.75 19.94
N PHE A 278 -18.05 -21.69 19.76
CA PHE A 278 -17.31 -20.55 20.30
C PHE A 278 -17.55 -19.31 19.46
N ILE A 279 -17.43 -19.42 18.14
CA ILE A 279 -17.69 -18.28 17.25
C ILE A 279 -19.10 -17.76 17.44
N TRP A 280 -20.06 -18.64 17.72
CA TRP A 280 -21.41 -18.21 18.06
C TRP A 280 -21.43 -17.45 19.38
N LEU A 281 -20.86 -18.04 20.44
CA LEU A 281 -21.04 -17.48 21.78
C LEU A 281 -20.23 -16.21 21.99
N THR A 282 -18.93 -16.25 21.69
CA THR A 282 -18.08 -15.11 22.03
C THR A 282 -18.42 -13.88 21.19
N LYS A 283 -18.85 -14.07 19.95
CA LYS A 283 -19.35 -12.95 19.15
C LYS A 283 -20.78 -12.57 19.51
N LEU A 284 -21.47 -13.40 20.28
CA LEU A 284 -22.82 -13.07 20.76
C LEU A 284 -22.79 -12.23 22.01
N ASN A 285 -21.77 -12.41 22.86
CA ASN A 285 -21.77 -11.85 24.21
C ASN A 285 -21.50 -10.35 24.23
N ASN A 286 -21.09 -9.75 23.13
CA ASN A 286 -20.80 -8.32 23.07
C ASN A 286 -21.85 -7.54 22.29
N LEU A 287 -22.97 -8.17 21.95
CA LEU A 287 -24.07 -7.48 21.26
C LEU A 287 -24.86 -6.70 22.30
N ARG A 288 -24.86 -5.37 22.17
CA ARG A 288 -25.41 -4.48 23.18
C ARG A 288 -26.67 -3.80 22.67
N ILE A 289 -27.63 -3.60 23.58
CA ILE A 289 -28.86 -2.86 23.31
C ILE A 289 -28.78 -1.54 24.07
N LEU A 290 -29.11 -0.45 23.38
CA LEU A 290 -29.12 0.89 23.99
C LEU A 290 -30.27 0.98 24.97
N GLU A 291 -29.96 0.89 26.27
CA GLU A 291 -30.97 0.91 27.31
C GLU A 291 -31.19 2.35 27.78
N GLN A 292 -31.87 2.50 28.93
CA GLN A 292 -32.26 3.82 29.42
C GLN A 292 -31.04 4.69 29.70
N GLY A 293 -30.14 4.23 30.56
CA GLY A 293 -28.99 5.03 30.94
C GLY A 293 -27.67 4.47 30.49
N SER A 294 -27.56 3.16 30.40
CA SER A 294 -26.34 2.48 29.97
C SER A 294 -26.66 1.54 28.80
N GLU A 295 -25.62 0.88 28.30
CA GLU A 295 -25.80 -0.23 27.38
C GLU A 295 -25.93 -1.52 28.19
N ARG A 296 -26.61 -2.51 27.61
CA ARG A 296 -26.79 -3.76 28.34
C ARG A 296 -26.70 -4.93 27.38
N PRO A 297 -26.06 -6.02 27.80
CA PRO A 297 -26.25 -7.29 27.11
C PRO A 297 -27.63 -7.85 27.43
N LEU A 298 -28.05 -8.83 26.63
CA LEU A 298 -29.35 -9.45 26.86
C LEU A 298 -29.36 -10.18 28.19
N THR A 299 -30.53 -10.18 28.83
CA THR A 299 -30.72 -10.82 30.12
C THR A 299 -30.40 -12.31 30.01
N ASP A 300 -30.02 -12.91 31.15
CA ASP A 300 -29.69 -14.34 31.18
C ASP A 300 -30.81 -15.20 30.58
N THR A 301 -32.06 -14.77 30.71
CA THR A 301 -33.16 -15.45 30.04
C THR A 301 -33.26 -15.04 28.56
N GLU A 302 -32.89 -13.80 28.24
CA GLU A 302 -32.93 -13.34 26.86
C GLU A 302 -31.88 -14.03 26.01
N ARG A 303 -30.65 -14.12 26.52
CA ARG A 303 -29.59 -14.85 25.81
C ARG A 303 -29.92 -16.34 25.71
N ALA A 304 -30.54 -16.90 26.75
CA ALA A 304 -30.87 -18.33 26.72
C ALA A 304 -31.88 -18.67 25.64
N THR A 305 -32.75 -17.72 25.29
CA THR A 305 -33.82 -18.01 24.34
C THR A 305 -33.26 -18.34 22.96
N LEU A 306 -32.26 -17.58 22.50
CA LEU A 306 -31.72 -17.76 21.15
C LEU A 306 -30.27 -18.23 21.12
N MET A 307 -29.73 -18.69 22.24
CA MET A 307 -28.44 -19.37 22.19
C MET A 307 -28.54 -20.68 21.42
N ASP A 308 -29.61 -21.43 21.67
CA ASP A 308 -29.80 -22.76 21.11
C ASP A 308 -30.66 -22.77 19.85
N GLU A 309 -31.19 -21.62 19.42
CA GLU A 309 -32.02 -21.60 18.22
C GLU A 309 -31.20 -21.69 16.93
N PRO A 310 -30.01 -21.08 16.84
CA PRO A 310 -29.14 -21.44 15.70
C PRO A 310 -28.75 -22.91 15.70
N TYR A 311 -28.80 -23.57 16.86
CA TYR A 311 -28.79 -25.02 16.92
C TYR A 311 -30.11 -25.59 16.40
N ARG A 312 -31.22 -25.17 17.01
CA ARG A 312 -32.50 -25.81 16.76
C ARG A 312 -33.10 -25.40 15.41
N LYS A 313 -32.91 -24.15 14.98
CA LYS A 313 -33.42 -23.68 13.70
C LYS A 313 -32.29 -23.38 12.73
N SER A 314 -32.52 -23.65 11.44
CA SER A 314 -31.51 -23.41 10.42
C SER A 314 -31.05 -21.95 10.43
N LYS A 315 -32.00 -21.02 10.35
CA LYS A 315 -31.67 -19.60 10.42
C LYS A 315 -32.09 -19.01 11.76
N THR A 317 -30.34 -15.87 12.07
CA THR A 317 -30.89 -14.69 11.41
C THR A 317 -30.60 -13.42 12.20
N TYR A 318 -30.74 -12.26 11.55
CA TYR A 318 -30.51 -10.97 12.18
C TYR A 318 -31.77 -10.12 12.22
N ALA A 319 -32.41 -9.89 11.08
CA ALA A 319 -33.64 -9.09 11.09
C ALA A 319 -34.71 -9.76 11.94
N GLN A 320 -34.64 -11.08 12.10
CA GLN A 320 -35.50 -11.81 13.02
C GLN A 320 -34.79 -12.16 14.32
N ALA A 321 -33.69 -11.48 14.65
CA ALA A 321 -33.13 -11.59 15.99
C ALA A 321 -33.97 -10.80 16.98
N ARG A 322 -34.37 -9.57 16.61
CA ARG A 322 -35.28 -8.81 17.44
C ARG A 322 -36.72 -9.30 17.31
N LYS A 323 -37.03 -10.07 16.27
CA LYS A 323 -38.34 -10.70 16.17
C LYS A 323 -38.51 -11.81 17.19
N LEU A 324 -37.42 -12.49 17.55
CA LEU A 324 -37.48 -13.49 18.62
C LEU A 324 -37.24 -12.85 19.98
N LEU A 325 -36.11 -12.17 20.15
CA LEU A 325 -35.79 -11.53 21.41
C LEU A 325 -36.73 -10.36 21.70
N ALA A 345 -29.27 -5.09 8.38
CA ALA A 345 -30.08 -6.20 7.87
C ALA A 345 -29.21 -7.36 7.45
N SER A 346 -27.94 -7.31 7.81
CA SER A 346 -26.98 -8.33 7.40
C SER A 346 -27.27 -9.64 8.13
N THR A 347 -26.36 -10.61 8.00
CA THR A 347 -26.61 -11.94 8.55
C THR A 347 -26.19 -12.04 10.02
N LEU A 348 -24.92 -11.77 10.20
CA LEU A 348 -24.24 -11.82 11.45
C LEU A 348 -24.04 -13.20 12.08
N MET A 349 -24.64 -14.30 11.49
CA MET A 349 -24.46 -15.63 12.04
C MET A 349 -25.06 -16.69 11.14
N GLU A 350 -24.37 -17.83 11.06
CA GLU A 350 -24.92 -19.07 10.55
C GLU A 350 -24.07 -20.21 11.10
N MET A 351 -24.73 -21.23 11.63
CA MET A 351 -24.04 -22.42 12.14
C MET A 351 -23.86 -23.36 10.95
N LYS A 352 -22.65 -23.39 10.40
CA LYS A 352 -22.43 -24.04 9.12
C LYS A 352 -22.50 -25.56 9.23
N ALA A 353 -21.72 -26.14 10.15
CA ALA A 353 -21.59 -27.60 10.20
C ALA A 353 -22.89 -28.26 10.65
N TYR A 354 -23.47 -27.78 11.76
CA TYR A 354 -24.66 -28.42 12.31
C TYR A 354 -25.79 -28.45 11.29
N HIS A 355 -25.98 -27.35 10.56
CA HIS A 355 -27.10 -27.26 9.64
C HIS A 355 -26.79 -27.89 8.29
N ALA A 356 -25.52 -27.96 7.90
CA ALA A 356 -25.17 -28.71 6.70
C ALA A 356 -25.53 -30.17 6.85
N ILE A 357 -25.29 -30.75 8.02
CA ILE A 357 -25.60 -32.15 8.25
C ILE A 357 -27.10 -32.35 8.32
N SER A 358 -27.84 -31.35 8.77
CA SER A 358 -29.30 -31.49 8.87
C SER A 358 -29.95 -31.41 7.49
N ARG A 359 -29.52 -30.46 6.67
CA ARG A 359 -30.11 -30.25 5.35
C ARG A 359 -29.54 -31.22 4.33
N SER A 371 -36.34 -31.58 13.28
CA SER A 371 -35.69 -32.84 13.58
C SER A 371 -34.18 -32.71 13.45
N PRO A 372 -33.48 -32.34 14.53
CA PRO A 372 -32.01 -32.27 14.45
C PRO A 372 -31.35 -33.62 14.30
N LEU A 373 -30.02 -33.61 14.16
CA LEU A 373 -29.18 -34.81 14.13
C LEU A 373 -28.75 -35.22 15.54
N ASN A 374 -28.14 -36.41 15.62
CA ASN A 374 -27.89 -37.07 16.89
C ASN A 374 -26.41 -37.27 17.20
N LEU A 375 -25.52 -36.43 16.66
CA LEU A 375 -24.10 -36.62 16.87
C LEU A 375 -23.65 -36.02 18.20
N SER A 376 -22.34 -36.11 18.46
CA SER A 376 -21.74 -35.84 19.74
C SER A 376 -20.39 -35.15 19.52
N PRO A 377 -19.85 -34.46 20.54
CA PRO A 377 -18.66 -33.63 20.30
C PRO A 377 -17.39 -34.40 19.95
N GLU A 378 -17.05 -35.45 20.72
CA GLU A 378 -15.79 -36.15 20.46
C GLU A 378 -15.73 -36.68 19.03
N LEU A 379 -16.86 -37.18 18.52
CA LEU A 379 -16.93 -37.54 17.11
C LEU A 379 -16.91 -36.31 16.21
N GLN A 380 -17.60 -35.24 16.61
CA GLN A 380 -17.62 -34.03 15.78
C GLN A 380 -16.26 -33.34 15.77
N ASP A 381 -15.55 -33.36 16.90
CA ASP A 381 -14.21 -32.78 16.93
C ASP A 381 -13.25 -33.58 16.06
N GLU A 382 -13.37 -34.91 16.08
CA GLU A 382 -12.44 -35.74 15.31
C GLU A 382 -12.71 -35.63 13.81
N ILE A 383 -13.98 -35.56 13.41
CA ILE A 383 -14.28 -35.41 11.98
C ILE A 383 -13.87 -34.01 11.50
N GLY A 384 -13.96 -33.00 12.36
CA GLY A 384 -13.51 -31.68 11.98
C GLY A 384 -12.01 -31.62 11.76
N THR A 385 -11.25 -32.20 12.70
CA THR A 385 -9.80 -32.24 12.57
C THR A 385 -9.37 -33.07 11.37
N ALA A 386 -10.03 -34.21 11.15
CA ALA A 386 -9.64 -35.10 10.06
C ALA A 386 -9.92 -34.50 8.70
N PHE A 387 -11.03 -33.78 8.56
CA PHE A 387 -11.37 -33.17 7.28
C PHE A 387 -10.54 -31.93 6.96
N SER A 388 -9.92 -31.32 7.96
CA SER A 388 -9.11 -30.13 7.73
C SER A 388 -7.65 -30.45 7.48
N LEU A 389 -7.15 -31.55 8.04
CA LEU A 389 -5.77 -31.96 7.79
C LEU A 389 -5.63 -32.77 6.52
N PHE A 390 -6.71 -33.38 6.03
CA PHE A 390 -6.68 -34.21 4.84
C PHE A 390 -7.79 -33.80 3.89
N LYS A 391 -7.53 -33.97 2.59
CA LYS A 391 -8.47 -33.59 1.54
C LYS A 391 -9.11 -34.76 0.83
N THR A 392 -8.38 -35.86 0.65
CA THR A 392 -8.88 -36.97 -0.14
C THR A 392 -9.79 -37.87 0.69
N ASP A 393 -10.52 -38.74 -0.01
CA ASP A 393 -11.28 -39.78 0.66
C ASP A 393 -10.37 -40.65 1.52
N GLU A 394 -9.17 -40.94 1.01
CA GLU A 394 -8.25 -41.94 1.53
C GLU A 394 -8.01 -41.88 3.04
N ASP A 395 -7.39 -40.79 3.50
CA ASP A 395 -6.98 -40.72 4.90
C ASP A 395 -8.12 -40.27 5.80
N ILE A 396 -9.09 -39.54 5.25
CA ILE A 396 -10.26 -39.13 6.01
C ILE A 396 -11.04 -40.34 6.48
N THR A 397 -11.35 -41.26 5.55
CA THR A 397 -12.04 -42.48 5.93
C THR A 397 -11.29 -43.24 7.01
N GLY A 398 -9.96 -43.27 6.91
CA GLY A 398 -9.14 -43.97 7.88
C GLY A 398 -9.37 -43.54 9.32
N ARG A 399 -9.18 -42.25 9.60
CA ARG A 399 -9.38 -41.75 10.95
C ARG A 399 -10.87 -41.78 11.34
N LEU A 400 -11.76 -41.54 10.37
CA LEU A 400 -13.20 -41.65 10.65
C LEU A 400 -13.60 -43.11 10.90
N LYS A 401 -12.96 -44.06 10.24
CA LYS A 401 -13.37 -45.46 10.37
C LYS A 401 -13.13 -45.98 11.78
N ASP A 402 -11.98 -45.65 12.37
CA ASP A 402 -11.75 -45.99 13.77
C ASP A 402 -12.71 -45.24 14.68
N ARG A 403 -13.09 -44.03 14.30
CA ARG A 403 -13.86 -43.18 15.20
C ARG A 403 -15.35 -43.54 15.21
N ILE A 404 -15.89 -44.02 14.10
CA ILE A 404 -17.31 -44.33 14.03
C ILE A 404 -17.49 -45.58 13.18
N ILE A 416 -18.97 -34.37 2.16
CA ILE A 416 -18.61 -33.47 3.24
C ILE A 416 -17.24 -32.88 2.96
N SER A 417 -17.06 -31.58 3.23
CA SER A 417 -15.82 -30.89 2.91
C SER A 417 -15.57 -29.77 3.92
N PHE A 418 -14.38 -29.79 4.54
CA PHE A 418 -14.02 -28.84 5.58
C PHE A 418 -12.63 -28.28 5.30
N ASP A 419 -12.37 -27.08 5.83
CA ASP A 419 -11.06 -26.42 5.74
C ASP A 419 -11.08 -25.22 6.69
N LYS A 420 -10.08 -24.34 6.53
CA LYS A 420 -10.01 -23.04 7.21
C LYS A 420 -9.88 -23.20 8.74
N PHE A 421 -8.69 -23.67 9.14
CA PHE A 421 -8.32 -23.82 10.55
C PHE A 421 -8.64 -22.57 11.36
N VAL A 422 -8.92 -22.77 12.66
CA VAL A 422 -9.11 -21.67 13.61
C VAL A 422 -7.77 -21.10 14.05
N GLN A 423 -7.83 -19.98 14.77
CA GLN A 423 -6.61 -19.29 15.21
C GLN A 423 -5.84 -20.10 16.23
N ILE A 424 -6.53 -20.80 17.14
CA ILE A 424 -5.86 -21.46 18.24
C ILE A 424 -6.16 -22.95 18.27
N GLU A 461 3.04 -5.50 32.24
CA GLU A 461 3.60 -4.14 32.28
C GLU A 461 5.13 -4.15 32.26
N LYS A 462 5.69 -3.32 31.39
CA LYS A 462 7.11 -2.98 31.39
C LYS A 462 7.20 -1.47 31.19
N ILE A 463 8.38 -0.98 30.82
CA ILE A 463 8.53 0.45 30.61
C ILE A 463 8.43 0.77 29.12
N TYR A 464 8.84 -0.16 28.27
CA TYR A 464 8.85 0.10 26.84
C TYR A 464 7.76 -0.73 26.15
N LEU A 465 7.54 -0.42 24.88
CA LEU A 465 6.47 -1.05 24.12
C LEU A 465 7.01 -2.28 23.40
N PRO A 466 6.41 -3.46 23.59
CA PRO A 466 6.87 -4.65 22.89
C PRO A 466 6.43 -4.65 21.45
N PRO A 467 7.08 -5.44 20.59
CA PRO A 467 6.75 -5.44 19.17
C PRO A 467 5.26 -5.60 18.90
N ILE A 468 4.81 -5.03 17.79
CA ILE A 468 3.41 -5.05 17.38
C ILE A 468 3.03 -6.48 16.95
N PRO A 469 2.07 -7.12 17.62
CA PRO A 469 1.73 -8.51 17.30
C PRO A 469 1.20 -8.69 15.88
N ALA A 470 2.03 -9.26 15.00
CA ALA A 470 1.62 -9.45 13.61
C ALA A 470 0.44 -10.39 13.46
N ASP A 471 0.13 -11.20 14.48
CA ASP A 471 -1.12 -11.95 14.46
C ASP A 471 -2.30 -11.03 14.68
N GLU A 472 -2.16 -10.06 15.60
CA GLU A 472 -3.25 -9.12 15.85
C GLU A 472 -3.36 -8.09 14.73
N ILE A 473 -2.26 -7.78 14.05
CA ILE A 473 -2.22 -6.73 13.03
C ILE A 473 -1.78 -7.40 11.74
N ARG A 474 -2.67 -7.44 10.75
CA ARG A 474 -2.35 -8.13 9.49
C ARG A 474 -2.55 -7.23 8.28
N ASN A 475 -2.16 -5.96 8.40
CA ASN A 475 -2.00 -5.08 7.25
C ASN A 475 -0.56 -4.60 7.23
N PRO A 476 0.19 -4.78 6.14
CA PRO A 476 1.61 -4.39 6.16
C PRO A 476 1.84 -2.91 6.36
N VAL A 477 1.04 -2.06 5.71
CA VAL A 477 1.22 -0.61 5.85
C VAL A 477 1.03 -0.20 7.31
N VAL A 478 -0.06 -0.68 7.92
CA VAL A 478 -0.32 -0.34 9.32
C VAL A 478 0.74 -0.93 10.23
N LEU A 479 1.22 -2.13 9.92
CA LEU A 479 2.25 -2.72 10.77
C LEU A 479 3.51 -1.86 10.76
N ARG A 480 3.93 -1.40 9.58
CA ARG A 480 5.11 -0.55 9.49
C ARG A 480 4.89 0.76 10.23
N ALA A 481 3.75 1.40 9.99
CA ALA A 481 3.46 2.67 10.66
C ALA A 481 3.47 2.51 12.18
N LEU A 482 2.87 1.44 12.69
CA LEU A 482 2.79 1.26 14.13
C LEU A 482 4.12 0.84 14.70
N SER A 483 4.93 0.12 13.93
CA SER A 483 6.26 -0.21 14.41
C SER A 483 7.13 1.03 14.54
N GLN A 484 7.05 1.95 13.58
CA GLN A 484 7.80 3.21 13.75
C GLN A 484 7.18 4.10 14.83
N ALA A 485 5.87 4.00 15.05
CA ALA A 485 5.27 4.65 16.20
C ALA A 485 5.88 4.13 17.50
N ARG A 486 6.05 2.82 17.60
CA ARG A 486 6.66 2.24 18.79
C ARG A 486 8.12 2.67 18.92
N LYS A 487 8.85 2.72 17.80
CA LYS A 487 10.20 3.27 17.81
C LYS A 487 10.23 4.66 18.43
N VAL A 488 9.41 5.57 17.91
CA VAL A 488 9.38 6.93 18.41
C VAL A 488 9.00 6.95 19.88
N ILE A 489 8.02 6.13 20.27
CA ILE A 489 7.56 6.12 21.65
C ILE A 489 8.70 5.70 22.58
N ASN A 490 9.42 4.64 22.23
CA ASN A 490 10.49 4.17 23.09
C ASN A 490 11.67 5.13 23.11
N GLY A 491 11.98 5.76 21.97
CA GLY A 491 13.01 6.78 21.98
C GLY A 491 12.66 7.91 22.92
N VAL A 492 11.42 8.40 22.84
CA VAL A 492 10.95 9.46 23.72
C VAL A 492 11.03 9.01 25.18
N VAL A 493 10.63 7.77 25.45
CA VAL A 493 10.61 7.31 26.84
C VAL A 493 12.02 7.23 27.39
N ARG A 494 12.91 6.53 26.69
CA ARG A 494 14.30 6.41 27.15
C ARG A 494 14.95 7.78 27.29
N ARG A 495 14.54 8.74 26.47
CA ARG A 495 15.15 10.07 26.55
C ARG A 495 14.59 10.90 27.70
N TYR A 496 13.28 10.82 27.94
CA TYR A 496 12.59 11.75 28.83
C TYR A 496 11.82 11.10 29.97
N GLY A 497 11.74 9.77 30.04
CA GLY A 497 10.98 9.11 31.07
C GLY A 497 9.53 8.87 30.66
N SER A 498 8.83 8.11 31.49
CA SER A 498 7.50 7.61 31.14
C SER A 498 6.50 8.75 31.02
N PRO A 499 5.75 8.83 29.92
CA PRO A 499 4.79 9.93 29.75
C PRO A 499 3.50 9.70 30.52
N ALA A 500 2.85 10.82 30.84
CA ALA A 500 1.57 10.77 31.54
C ALA A 500 0.48 10.19 30.64
N ARG A 501 0.26 10.80 29.49
CA ARG A 501 -0.73 10.34 28.53
C ARG A 501 -0.09 10.18 27.17
N ILE A 502 -0.65 9.26 26.40
CA ILE A 502 -0.32 9.12 24.99
C ILE A 502 -1.58 9.44 24.19
N HIS A 503 -1.52 10.53 23.43
CA HIS A 503 -2.63 10.94 22.58
C HIS A 503 -2.30 10.50 21.16
N ILE A 504 -3.26 9.86 20.51
CA ILE A 504 -3.03 9.30 19.18
C ILE A 504 -4.05 9.89 18.22
N GLU A 505 -3.58 10.24 17.03
CA GLU A 505 -4.43 10.66 15.92
C GLU A 505 -3.88 9.96 14.68
N THR A 506 -4.60 8.97 14.16
CA THR A 506 -4.14 8.17 13.04
C THR A 506 -4.92 8.52 11.78
N ALA A 507 -4.19 8.72 10.69
CA ALA A 507 -4.73 9.23 9.44
C ALA A 507 -5.90 8.42 8.92
N ARG A 508 -6.73 9.04 8.08
CA ARG A 508 -7.92 8.38 7.56
C ARG A 508 -7.57 7.18 6.69
N GLU A 509 -6.46 7.26 5.95
CA GLU A 509 -6.08 6.23 4.99
C GLU A 509 -5.36 5.06 5.64
N VAL A 510 -5.25 5.03 6.95
CA VAL A 510 -4.56 3.95 7.66
C VAL A 510 -5.55 2.82 7.90
N GLY A 511 -5.17 1.61 7.47
CA GLY A 511 -6.02 0.44 7.61
C GLY A 511 -6.86 0.13 6.39
N LYS A 512 -6.77 0.94 5.34
CA LYS A 512 -7.60 0.77 4.16
C LYS A 512 -6.83 0.03 3.07
N SER A 513 -7.58 -0.67 2.21
CA SER A 513 -6.98 -1.31 1.06
C SER A 513 -6.49 -0.28 0.06
N PHE A 514 -5.70 -0.74 -0.91
CA PHE A 514 -5.34 0.16 -2.01
C PHE A 514 -6.58 0.60 -2.77
N LYS A 515 -7.52 -0.33 -2.95
CA LYS A 515 -8.78 0.01 -3.63
C LYS A 515 -9.52 1.11 -2.88
N ASP A 516 -9.69 0.95 -1.59
CA ASP A 516 -10.39 1.93 -0.79
C ASP A 516 -9.68 3.21 -0.80
N ARG A 517 -8.38 3.21 -0.82
CA ARG A 517 -7.67 4.45 -0.81
C ARG A 517 -7.87 5.12 -2.10
N LYS A 518 -7.82 4.39 -3.18
CA LYS A 518 -8.08 4.97 -4.46
C LYS A 518 -9.50 5.42 -4.55
N GLU A 519 -10.46 4.71 -3.98
CA GLU A 519 -11.83 5.14 -4.05
C GLU A 519 -11.94 6.45 -3.40
N ILE A 520 -11.36 6.62 -2.22
CA ILE A 520 -11.44 7.91 -1.62
C ILE A 520 -10.72 8.96 -2.37
N GLU A 521 -9.61 8.67 -3.00
CA GLU A 521 -8.95 9.67 -3.80
C GLU A 521 -9.82 10.11 -4.94
N LYS A 522 -10.53 9.20 -5.56
CA LYS A 522 -11.44 9.58 -6.62
C LYS A 522 -12.50 10.44 -6.10
N ARG A 523 -13.13 10.04 -5.01
CA ARG A 523 -14.21 10.81 -4.46
C ARG A 523 -13.88 12.21 -4.17
N GLN A 524 -12.68 12.47 -3.73
CA GLN A 524 -12.29 13.83 -3.38
C GLN A 524 -11.99 14.67 -4.62
N GLU A 525 -11.50 14.07 -5.70
CA GLU A 525 -11.41 14.85 -6.94
C GLU A 525 -12.80 15.26 -7.44
N GLU A 526 -13.75 14.33 -7.46
CA GLU A 526 -15.06 14.70 -7.99
C GLU A 526 -15.74 15.72 -7.09
N ASN A 527 -15.50 15.65 -5.77
CA ASN A 527 -16.06 16.66 -4.88
C ASN A 527 -15.35 18.00 -5.00
N ARG A 528 -14.06 18.03 -5.32
CA ARG A 528 -13.41 19.31 -5.56
C ARG A 528 -13.97 19.97 -6.81
N LYS A 529 -14.13 19.18 -7.87
CA LYS A 529 -14.77 19.69 -9.08
C LYS A 529 -16.16 20.23 -8.75
N ASP A 530 -16.91 19.47 -7.95
CA ASP A 530 -18.23 19.90 -7.51
C ASP A 530 -18.17 21.23 -6.77
N ARG A 531 -17.19 21.40 -5.88
CA ARG A 531 -17.12 22.63 -5.11
C ARG A 531 -16.81 23.82 -6.00
N GLU A 532 -15.90 23.66 -6.96
CA GLU A 532 -15.62 24.75 -7.88
C GLU A 532 -16.88 25.12 -8.67
N LYS A 533 -17.64 24.11 -9.09
CA LYS A 533 -18.87 24.37 -9.85
C LYS A 533 -19.90 25.10 -8.98
N ALA A 534 -20.06 24.67 -7.74
CA ALA A 534 -21.03 25.29 -6.83
C ALA A 534 -20.61 26.71 -6.49
N ALA A 535 -19.32 26.96 -6.32
CA ALA A 535 -18.84 28.32 -6.09
C ALA A 535 -19.08 29.19 -7.31
N ALA A 536 -18.95 28.63 -8.51
CA ALA A 536 -19.29 29.37 -9.72
C ALA A 536 -20.77 29.76 -9.72
N LYS A 537 -21.64 28.81 -9.38
CA LYS A 537 -23.07 29.14 -9.26
C LYS A 537 -23.30 30.23 -8.23
N PHE A 538 -22.62 30.14 -7.09
CA PHE A 538 -22.81 31.14 -6.04
C PHE A 538 -22.35 32.52 -6.49
N ARG A 539 -21.22 32.59 -7.20
CA ARG A 539 -20.77 33.86 -7.74
C ARG A 539 -21.78 34.41 -8.74
N GLU A 540 -22.34 33.53 -9.57
CA GLU A 540 -23.35 33.94 -10.54
C GLU A 540 -24.60 34.46 -9.83
N TYR A 541 -24.99 33.82 -8.73
CA TYR A 541 -26.11 34.30 -7.92
C TYR A 541 -25.77 35.63 -7.26
N PHE A 542 -24.59 35.72 -6.67
CA PHE A 542 -24.16 36.89 -5.91
C PHE A 542 -23.09 37.61 -6.72
N PRO A 543 -23.48 38.37 -7.75
CA PRO A 543 -22.46 38.97 -8.63
C PRO A 543 -21.66 40.04 -7.91
N ASN A 544 -22.33 40.90 -7.15
CA ASN A 544 -21.72 42.01 -6.44
C ASN A 544 -21.13 41.58 -5.10
N PHE A 545 -20.97 40.27 -4.88
CA PHE A 545 -20.44 39.76 -3.63
C PHE A 545 -19.02 40.24 -3.45
N VAL A 546 -18.80 41.13 -2.48
CA VAL A 546 -17.45 41.56 -2.17
C VAL A 546 -16.66 40.36 -1.68
N GLY A 547 -15.52 40.10 -2.32
CA GLY A 547 -14.74 38.93 -2.01
C GLY A 547 -15.19 37.73 -2.82
N GLU A 548 -14.71 36.57 -2.37
CA GLU A 548 -14.93 35.28 -3.02
C GLU A 548 -15.69 34.39 -2.05
N PRO A 549 -16.44 33.40 -2.56
CA PRO A 549 -17.17 32.50 -1.66
C PRO A 549 -16.25 31.81 -0.66
N LYS A 550 -16.69 31.83 0.60
CA LYS A 550 -16.08 31.02 1.65
C LYS A 550 -16.98 29.82 1.90
N SER A 551 -16.49 28.89 2.74
CA SER A 551 -17.21 27.63 2.92
C SER A 551 -18.60 27.85 3.48
N LYS A 552 -18.75 28.76 4.44
CA LYS A 552 -20.06 28.92 5.07
C LYS A 552 -21.05 29.58 4.13
N ASP A 553 -20.59 30.42 3.20
CA ASP A 553 -21.51 31.08 2.27
C ASP A 553 -22.10 30.07 1.29
N ILE A 554 -21.24 29.25 0.70
CA ILE A 554 -21.71 28.20 -0.21
C ILE A 554 -22.66 27.25 0.52
N LEU A 555 -22.34 26.95 1.78
CA LEU A 555 -23.18 26.05 2.56
C LEU A 555 -24.51 26.71 2.88
N LYS A 556 -24.52 28.02 3.13
CA LYS A 556 -25.78 28.75 3.29
C LYS A 556 -26.65 28.61 2.05
N LEU A 557 -26.03 28.75 0.87
CA LEU A 557 -26.82 28.59 -0.36
C LEU A 557 -27.37 27.18 -0.48
N ARG A 558 -26.53 26.17 -0.20
CA ARG A 558 -27.02 24.79 -0.28
C ARG A 558 -28.15 24.55 0.70
N LEU A 559 -28.05 25.11 1.92
CA LEU A 559 -29.10 24.89 2.90
C LEU A 559 -30.37 25.62 2.51
N TYR A 560 -30.26 26.79 1.90
CA TYR A 560 -31.45 27.45 1.37
C TYR A 560 -32.15 26.53 0.38
N GLU A 561 -31.41 26.03 -0.62
CA GLU A 561 -32.02 25.11 -1.58
C GLU A 561 -32.59 23.89 -0.89
N GLN A 562 -31.84 23.33 0.06
CA GLN A 562 -32.23 22.10 0.74
C GLN A 562 -33.45 22.33 1.62
N GLN A 563 -33.47 23.44 2.35
CA GLN A 563 -34.58 23.76 3.24
C GLN A 563 -35.80 24.32 2.51
N HIS A 564 -35.74 24.42 1.18
CA HIS A 564 -36.78 25.04 0.34
C HIS A 564 -36.90 26.54 0.59
N GLY A 565 -35.85 27.19 1.08
CA GLY A 565 -35.92 28.60 1.37
C GLY A 565 -36.91 28.90 2.48
N LYS A 566 -36.85 28.12 3.56
CA LYS A 566 -37.70 28.30 4.72
C LYS A 566 -36.83 28.28 5.96
N CYS A 567 -37.02 29.26 6.85
CA CYS A 567 -36.31 29.25 8.12
C CYS A 567 -36.74 28.02 8.90
N LEU A 568 -35.88 27.01 8.96
CA LEU A 568 -36.27 25.69 9.45
C LEU A 568 -36.83 25.72 10.86
N TYR A 569 -36.68 26.82 11.59
CA TYR A 569 -37.24 26.94 12.92
C TYR A 569 -38.56 27.70 12.93
N SER A 570 -38.79 28.57 11.93
CA SER A 570 -39.98 29.40 11.88
C SER A 570 -40.80 29.24 10.61
N GLY A 571 -40.23 28.67 9.55
CA GLY A 571 -40.93 28.54 8.29
C GLY A 571 -41.06 29.83 7.51
N LYS A 572 -40.47 30.92 7.97
CA LYS A 572 -40.53 32.19 7.27
C LYS A 572 -39.70 32.11 5.99
N GLU A 573 -40.27 32.63 4.90
CA GLU A 573 -39.51 32.69 3.65
C GLU A 573 -38.28 33.55 3.82
N ILE A 574 -37.17 33.07 3.28
CA ILE A 574 -35.88 33.75 3.35
C ILE A 574 -35.68 34.48 2.04
N ASN A 575 -35.44 35.78 2.11
CA ASN A 575 -35.08 36.54 0.92
C ASN A 575 -33.64 36.24 0.54
N LEU A 576 -33.43 35.76 -0.69
CA LEU A 576 -32.08 35.45 -1.14
C LEU A 576 -31.19 36.69 -1.18
N GLY A 577 -31.76 37.85 -1.52
CA GLY A 577 -30.96 39.07 -1.55
C GLY A 577 -30.16 39.29 -0.27
N ARG A 578 -30.80 39.07 0.88
CA ARG A 578 -30.15 39.28 2.18
C ARG A 578 -29.48 38.02 2.70
N LEU A 579 -29.33 36.98 1.89
CA LEU A 579 -28.74 35.73 2.37
C LEU A 579 -27.39 35.96 3.02
N ASN A 580 -26.51 36.68 2.33
CA ASN A 580 -25.18 36.98 2.86
C ASN A 580 -25.13 38.34 3.52
N GLU A 581 -26.09 38.59 4.41
CA GLU A 581 -26.09 39.78 5.24
C GLU A 581 -25.65 39.40 6.64
N LYS A 582 -24.67 40.13 7.18
CA LYS A 582 -24.12 39.82 8.49
C LYS A 582 -25.21 40.01 9.53
N GLY A 583 -25.78 38.91 10.01
CA GLY A 583 -26.80 38.96 11.04
C GLY A 583 -28.21 38.79 10.53
N TYR A 584 -28.38 38.03 9.45
CA TYR A 584 -29.70 37.70 8.93
C TYR A 584 -29.98 36.21 9.02
N VAL A 585 -29.10 35.39 8.47
CA VAL A 585 -29.19 33.94 8.56
C VAL A 585 -27.91 33.42 9.20
N GLU A 586 -28.07 32.34 9.96
CA GLU A 586 -26.99 31.67 10.65
C GLU A 586 -27.11 30.18 10.51
N ILE A 587 -26.05 29.46 10.27
CA ILE A 587 -26.11 28.03 10.14
C ILE A 587 -26.00 27.40 11.49
N ASP A 588 -26.99 26.64 11.89
CA ASP A 588 -27.07 26.13 13.22
C ASP A 588 -26.80 24.71 13.58
N ALA A 589 -26.36 24.59 14.80
CA ALA A 589 -26.07 23.40 15.41
C ALA A 589 -27.43 23.05 15.87
N ALA A 590 -28.16 22.21 15.15
CA ALA A 590 -29.48 21.74 15.56
C ALA A 590 -29.39 21.18 16.93
N LEU A 591 -28.71 20.09 17.11
CA LEU A 591 -28.46 19.60 18.45
C LEU A 591 -27.30 20.42 18.82
N PRO A 592 -27.23 20.95 20.03
CA PRO A 592 -26.21 21.89 20.48
C PRO A 592 -24.85 21.22 20.62
N PHE A 593 -23.82 22.06 20.71
CA PHE A 593 -22.44 21.60 20.73
C PHE A 593 -21.88 21.42 22.14
N SER A 594 -22.49 22.04 23.14
CA SER A 594 -21.99 21.90 24.51
C SER A 594 -22.11 20.46 25.00
N ARG A 595 -23.24 19.81 24.72
CA ARG A 595 -23.51 18.48 25.26
C ARG A 595 -23.23 17.35 24.28
N THR A 596 -22.93 17.64 23.02
CA THR A 596 -22.77 16.60 22.01
C THR A 596 -21.49 16.67 21.20
N TRP A 597 -20.82 17.81 21.14
CA TRP A 597 -19.62 18.01 20.32
C TRP A 597 -19.83 17.49 18.90
N ASP A 598 -20.79 18.10 18.21
CA ASP A 598 -21.16 17.70 16.86
C ASP A 598 -20.95 18.88 15.92
N ASP A 599 -19.90 18.80 15.11
CA ASP A 599 -19.68 19.75 14.02
C ASP A 599 -20.16 19.20 12.69
N SER A 600 -20.74 18.00 12.68
CA SER A 600 -20.99 17.28 11.45
C SER A 600 -22.00 18.02 10.56
N PHE A 601 -21.97 17.65 9.28
CA PHE A 601 -22.77 18.33 8.27
C PHE A 601 -24.26 18.03 8.43
N ASN A 602 -24.61 16.88 9.02
CA ASN A 602 -26.00 16.56 9.30
C ASN A 602 -26.55 17.32 10.50
N ASN A 603 -25.70 18.01 11.25
CA ASN A 603 -26.12 18.75 12.42
C ASN A 603 -26.32 20.23 12.13
N LYS A 604 -26.34 20.64 10.88
CA LYS A 604 -26.39 22.06 10.53
C LYS A 604 -27.63 22.38 9.70
N VAL A 605 -28.37 23.39 10.14
CA VAL A 605 -29.56 23.88 9.46
C VAL A 605 -29.50 25.40 9.42
N LEU A 606 -29.99 25.98 8.33
CA LEU A 606 -29.92 27.42 8.12
C LEU A 606 -31.19 28.05 8.65
N VAL A 607 -31.05 28.97 9.62
CA VAL A 607 -32.20 29.62 10.24
C VAL A 607 -31.92 31.13 10.33
N LEU A 608 -33.00 31.91 10.38
CA LEU A 608 -32.84 33.35 10.56
C LEU A 608 -32.23 33.68 11.92
N GLY A 609 -31.68 34.90 12.01
CA GLY A 609 -31.15 35.38 13.27
C GLY A 609 -32.22 35.80 14.24
N SER A 610 -33.40 36.18 13.74
CA SER A 610 -34.48 36.58 14.63
C SER A 610 -34.97 35.42 15.48
N GLU A 611 -34.98 34.21 14.92
CA GLU A 611 -35.53 33.06 15.63
C GLU A 611 -34.49 32.39 16.51
N ASN A 612 -33.23 32.38 16.09
CA ASN A 612 -32.17 31.71 16.85
C ASN A 612 -31.49 32.74 17.76
N GLN A 613 -32.21 33.07 18.83
CA GLN A 613 -31.66 33.87 19.91
C GLN A 613 -32.18 33.47 21.27
N ASN A 614 -33.24 32.67 21.35
CA ASN A 614 -33.80 32.20 22.61
C ASN A 614 -33.77 30.69 22.72
N LYS A 615 -33.15 30.01 21.76
CA LYS A 615 -33.10 28.55 21.77
C LYS A 615 -32.32 28.02 22.96
N GLY A 616 -31.24 28.72 23.34
CA GLY A 616 -30.36 28.18 24.36
C GLY A 616 -29.54 27.02 23.83
N ASN A 617 -29.24 26.07 24.71
CA ASN A 617 -28.52 24.86 24.33
C ASN A 617 -29.45 23.66 24.37
N GLN A 618 -30.63 23.81 23.77
CA GLN A 618 -31.67 22.80 23.81
C GLN A 618 -31.80 22.15 22.44
N THR A 619 -31.96 20.83 22.43
CA THR A 619 -32.35 20.18 21.19
C THR A 619 -33.73 20.67 20.79
N PRO A 620 -34.10 20.54 19.51
CA PRO A 620 -35.45 20.96 19.11
C PRO A 620 -36.56 20.26 19.88
N TYR A 621 -36.35 18.99 20.24
CA TYR A 621 -37.35 18.25 21.00
C TYR A 621 -37.50 18.76 22.43
N GLU A 622 -36.48 19.44 22.96
CA GLU A 622 -36.59 20.12 24.25
C GLU A 622 -36.97 21.57 24.10
N TYR A 623 -37.06 22.08 22.87
CA TYR A 623 -37.32 23.48 22.58
C TYR A 623 -38.69 23.71 21.98
N PHE A 624 -39.05 22.94 20.96
CA PHE A 624 -40.38 23.01 20.35
C PHE A 624 -41.41 22.20 21.13
N ASN A 625 -41.08 21.81 22.36
CA ASN A 625 -41.90 20.95 23.21
C ASN A 625 -42.44 19.76 22.42
N GLY A 626 -41.51 19.00 21.86
CA GLY A 626 -41.89 17.78 21.17
C GLY A 626 -42.44 16.72 22.10
N LYS A 627 -42.04 16.75 23.37
CA LYS A 627 -42.48 15.73 24.31
C LYS A 627 -43.98 15.80 24.57
N ASP A 628 -44.57 17.00 24.52
CA ASP A 628 -46.02 17.15 24.58
C ASP A 628 -46.64 17.16 23.19
N ASN A 629 -45.87 16.74 22.19
CA ASN A 629 -46.23 16.75 20.77
C ASN A 629 -47.09 17.96 20.44
N SER A 630 -46.51 19.13 20.70
CA SER A 630 -47.21 20.39 20.47
C SER A 630 -47.29 20.69 18.98
N ARG A 631 -48.05 21.73 18.65
CA ARG A 631 -48.22 22.09 17.25
C ARG A 631 -46.91 22.49 16.61
N GLU A 632 -46.07 23.27 17.32
CA GLU A 632 -44.81 23.69 16.73
C GLU A 632 -43.94 22.50 16.39
N TRP A 633 -43.95 21.47 17.24
CA TRP A 633 -43.17 20.26 16.94
C TRP A 633 -43.72 19.53 15.73
N GLN A 634 -45.04 19.44 15.60
CA GLN A 634 -45.62 18.79 14.43
C GLN A 634 -45.20 19.51 13.16
N GLU A 635 -45.43 20.83 13.11
CA GLU A 635 -45.00 21.62 11.96
C GLU A 635 -43.51 21.47 11.70
N PHE A 636 -42.70 21.41 12.75
CA PHE A 636 -41.25 21.34 12.59
C PHE A 636 -40.84 20.01 11.96
N LYS A 637 -41.30 18.92 12.57
CA LYS A 637 -41.02 17.58 12.04
C LYS A 637 -41.47 17.48 10.59
N ALA A 638 -42.66 17.99 10.27
CA ALA A 638 -43.07 18.02 8.87
C ALA A 638 -42.08 18.79 8.02
N ARG A 639 -41.66 19.97 8.48
CA ARG A 639 -40.69 20.78 7.73
C ARG A 639 -39.47 19.97 7.34
N VAL A 640 -38.81 19.36 8.31
CA VAL A 640 -37.52 18.72 8.02
C VAL A 640 -37.74 17.44 7.24
N GLU A 641 -38.86 16.76 7.46
CA GLU A 641 -39.23 15.57 6.69
C GLU A 641 -39.33 15.88 5.20
N THR A 642 -40.19 16.83 4.82
CA THR A 642 -40.28 17.23 3.42
C THR A 642 -39.00 17.86 2.91
N SER A 643 -38.20 18.46 3.79
CA SER A 643 -37.03 19.20 3.32
C SER A 643 -36.00 18.28 2.67
N ARG A 644 -35.10 18.87 1.89
CA ARG A 644 -34.25 18.10 0.99
C ARG A 644 -33.15 17.33 1.71
N PHE A 645 -33.06 17.43 3.04
CA PHE A 645 -31.99 16.77 3.75
C PHE A 645 -32.00 15.26 3.50
N PRO A 646 -30.85 14.61 3.55
CA PRO A 646 -30.80 13.16 3.54
C PRO A 646 -31.49 12.56 4.75
N ARG A 647 -31.66 11.24 4.71
CA ARG A 647 -32.29 10.53 5.82
C ARG A 647 -31.48 10.66 7.11
N SER A 648 -30.14 10.59 7.00
CA SER A 648 -29.30 10.76 8.18
C SER A 648 -29.53 12.11 8.84
N LYS A 649 -29.62 13.16 8.03
CA LYS A 649 -29.84 14.51 8.55
C LYS A 649 -31.18 14.60 9.26
N LYS A 650 -32.28 14.25 8.56
CA LYS A 650 -33.59 14.23 9.21
C LYS A 650 -33.55 13.46 10.52
N GLN A 651 -32.83 12.33 10.54
CA GLN A 651 -32.79 11.51 11.74
C GLN A 651 -32.13 12.26 12.89
N ARG A 652 -31.01 12.91 12.63
CA ARG A 652 -30.31 13.57 13.73
C ARG A 652 -30.93 14.90 14.14
N ILE A 653 -31.71 15.54 13.26
CA ILE A 653 -32.34 16.80 13.65
C ILE A 653 -33.46 16.53 14.65
N LEU A 654 -34.10 15.38 14.57
CA LEU A 654 -35.24 15.05 15.42
C LEU A 654 -34.88 14.02 16.49
N LEU A 655 -33.62 13.93 16.88
CA LEU A 655 -33.25 13.08 18.00
C LEU A 655 -34.05 13.51 19.21
N GLN A 656 -34.80 12.57 19.77
CA GLN A 656 -35.63 12.84 20.94
C GLN A 656 -34.79 12.76 22.21
N LYS A 657 -34.35 11.55 22.57
CA LYS A 657 -33.48 11.34 23.71
C LYS A 657 -32.30 10.50 23.27
N PHE A 658 -31.12 10.85 23.78
CA PHE A 658 -29.91 10.16 23.35
C PHE A 658 -28.92 10.11 24.50
N ASP A 659 -27.85 9.35 24.28
CA ASP A 659 -26.73 9.23 25.19
C ASP A 659 -25.94 10.53 25.16
N GLU A 660 -26.22 11.46 26.08
CA GLU A 660 -25.42 12.68 26.18
C GLU A 660 -23.93 12.33 26.23
N ASP A 661 -23.53 11.66 27.31
CA ASP A 661 -22.14 11.27 27.47
C ASP A 661 -21.73 10.31 26.36
N GLY A 662 -22.60 9.37 26.00
CA GLY A 662 -22.30 8.46 24.91
C GLY A 662 -22.03 9.19 23.61
N PHE A 663 -22.88 10.18 23.28
CA PHE A 663 -22.69 10.92 22.04
C PHE A 663 -21.39 11.73 22.06
N LYS A 664 -21.12 12.44 23.16
CA LYS A 664 -19.91 13.24 23.20
C LYS A 664 -18.67 12.35 23.11
N GLU A 665 -18.65 11.25 23.86
CA GLU A 665 -17.54 10.30 23.78
C GLU A 665 -17.39 9.76 22.37
N ARG A 666 -18.52 9.46 21.72
CA ARG A 666 -18.51 8.97 20.36
C ARG A 666 -17.81 9.96 19.44
N ASN A 667 -18.15 11.24 19.58
CA ASN A 667 -17.58 12.26 18.69
C ASN A 667 -16.14 12.64 19.03
N LEU A 668 -15.69 12.42 20.25
CA LEU A 668 -14.28 12.68 20.56
C LEU A 668 -13.38 11.48 20.35
N ASN A 669 -13.95 10.31 20.10
CA ASN A 669 -13.15 9.10 20.09
C ASN A 669 -13.36 8.37 18.78
N ASP A 670 -12.30 7.75 18.30
CA ASP A 670 -12.36 7.05 17.03
C ASP A 670 -12.43 5.55 17.32
N THR A 671 -13.51 4.91 16.86
CA THR A 671 -13.72 3.48 17.08
C THR A 671 -13.15 2.64 15.92
N ARG A 672 -12.22 3.21 15.15
CA ARG A 672 -11.47 2.43 14.18
C ARG A 672 -10.73 1.29 14.87
N TYR A 673 -10.51 0.21 14.12
CA TYR A 673 -9.85 -0.95 14.69
C TYR A 673 -8.45 -0.60 15.18
N VAL A 674 -7.65 0.03 14.32
CA VAL A 674 -6.25 0.29 14.68
C VAL A 674 -6.18 1.17 15.92
N ASN A 675 -7.09 2.16 16.02
CA ASN A 675 -7.09 3.01 17.21
C ASN A 675 -7.53 2.24 18.45
N ARG A 676 -8.59 1.44 18.35
CA ARG A 676 -9.01 0.57 19.44
C ARG A 676 -7.85 -0.24 19.95
N PHE A 677 -7.29 -1.06 19.06
CA PHE A 677 -6.18 -1.95 19.42
C PHE A 677 -5.01 -1.17 19.98
N LEU A 678 -4.69 -0.01 19.39
CA LEU A 678 -3.49 0.70 19.82
C LEU A 678 -3.67 1.26 21.21
N CYS A 679 -4.82 1.88 21.48
CA CYS A 679 -5.11 2.29 22.85
C CYS A 679 -5.02 1.11 23.80
N GLN A 680 -5.60 -0.03 23.43
CA GLN A 680 -5.61 -1.18 24.33
C GLN A 680 -4.19 -1.69 24.59
N PHE A 681 -3.37 -1.77 23.53
CA PHE A 681 -2.05 -2.35 23.65
C PHE A 681 -1.07 -1.41 24.34
N VAL A 682 -1.25 -0.10 24.17
CA VAL A 682 -0.39 0.86 24.87
C VAL A 682 -0.87 1.14 26.29
N ALA A 683 -2.11 0.77 26.62
CA ALA A 683 -2.57 0.87 28.00
C ALA A 683 -2.29 -0.40 28.79
N ASP A 684 -2.34 -1.57 28.16
CA ASP A 684 -2.06 -2.81 28.85
C ASP A 684 -0.56 -3.01 29.05
N ARG A 685 0.20 -3.00 27.97
CA ARG A 685 1.62 -3.39 27.98
C ARG A 685 2.55 -2.20 27.99
N MET A 686 2.34 -1.23 28.89
CA MET A 686 3.23 -0.10 28.99
C MET A 686 3.00 0.62 30.31
N ARG A 687 4.08 1.10 30.93
CA ARG A 687 4.01 1.83 32.18
C ARG A 687 3.69 3.30 31.91
N LEU A 688 2.46 3.70 32.21
CA LEU A 688 2.01 5.07 32.00
C LEU A 688 1.69 5.72 33.34
N THR A 689 2.25 6.91 33.58
CA THR A 689 2.08 7.63 34.84
C THR A 689 0.81 8.49 34.89
N GLY A 690 -0.28 8.01 34.30
CA GLY A 690 -1.50 8.76 34.18
C GLY A 690 -2.60 8.30 35.14
N LYS A 691 -3.64 9.14 35.23
CA LYS A 691 -4.83 8.78 36.01
C LYS A 691 -5.40 7.45 35.50
N GLY A 692 -5.52 6.48 36.40
CA GLY A 692 -5.69 5.08 36.04
C GLY A 692 -6.94 4.75 35.24
N LYS A 693 -7.87 5.68 35.12
CA LYS A 693 -9.15 5.41 34.47
C LYS A 693 -8.98 5.09 33.00
N LYS A 694 -8.42 6.04 32.25
CA LYS A 694 -8.28 5.91 30.81
C LYS A 694 -7.11 6.79 30.38
N ARG A 695 -5.99 6.15 30.02
CA ARG A 695 -4.75 6.86 29.78
C ARG A 695 -4.30 6.89 28.32
N VAL A 696 -5.04 6.30 27.39
CA VAL A 696 -4.72 6.45 25.96
C VAL A 696 -5.97 6.97 25.27
N PHE A 697 -5.76 7.78 24.23
CA PHE A 697 -6.82 8.60 23.62
C PHE A 697 -6.61 8.65 22.12
N ALA A 698 -7.66 8.28 21.37
CA ALA A 698 -7.64 8.25 19.90
C ALA A 698 -8.60 9.32 19.41
N SER A 699 -8.04 10.44 18.98
CA SER A 699 -8.84 11.59 18.59
C SER A 699 -9.70 11.30 17.37
N ASN A 700 -10.89 11.87 17.37
CA ASN A 700 -11.71 11.89 16.18
C ASN A 700 -11.10 12.83 15.15
N GLY A 701 -11.16 12.43 13.87
CA GLY A 701 -10.58 13.26 12.83
C GLY A 701 -11.19 14.65 12.78
N GLN A 702 -12.52 14.72 12.84
CA GLN A 702 -13.19 16.01 12.70
C GLN A 702 -12.93 16.91 13.91
N ILE A 703 -12.83 16.33 15.11
CA ILE A 703 -12.56 17.15 16.30
C ILE A 703 -11.13 17.68 16.27
N THR A 704 -10.17 16.84 15.86
CA THR A 704 -8.80 17.33 15.71
C THR A 704 -8.72 18.42 14.66
N ASN A 705 -9.43 18.23 13.54
CA ASN A 705 -9.51 19.25 12.51
C ASN A 705 -10.07 20.55 13.08
N LEU A 706 -11.15 20.44 13.86
CA LEU A 706 -11.77 21.62 14.46
C LEU A 706 -10.80 22.35 15.38
N LEU A 707 -10.09 21.61 16.23
CA LEU A 707 -9.19 22.26 17.19
C LEU A 707 -7.99 22.87 16.49
N ARG A 708 -7.49 22.23 15.44
CA ARG A 708 -6.41 22.83 14.66
C ARG A 708 -6.87 24.12 14.00
N GLY A 709 -8.04 24.08 13.36
CA GLY A 709 -8.53 25.26 12.66
C GLY A 709 -8.94 26.38 13.58
N PHE A 710 -9.36 26.06 14.81
CA PHE A 710 -9.77 27.08 15.76
C PHE A 710 -8.62 27.59 16.60
N TRP A 711 -7.53 26.82 16.72
CA TRP A 711 -6.38 27.20 17.51
C TRP A 711 -5.32 27.91 16.68
N GLY A 712 -5.60 28.16 15.39
CA GLY A 712 -4.73 28.99 14.59
C GLY A 712 -3.79 28.27 13.65
N LEU A 713 -3.75 26.94 13.64
CA LEU A 713 -2.83 26.22 12.76
C LEU A 713 -3.51 25.66 11.50
N ARG A 714 -4.49 26.38 10.95
CA ARG A 714 -5.06 26.02 9.65
C ARG A 714 -3.95 26.03 8.57
N LYS A 715 -3.82 24.92 7.85
CA LYS A 715 -2.52 24.58 7.25
C LYS A 715 -2.15 25.38 5.99
N VAL A 716 -1.00 24.99 5.46
CA VAL A 716 -0.45 25.51 4.22
C VAL A 716 -0.47 24.41 3.16
N ARG A 717 -1.30 23.40 3.39
CA ARG A 717 -1.59 22.26 2.49
C ARG A 717 -0.53 21.39 1.78
N ALA A 718 0.36 20.78 2.57
CA ALA A 718 1.42 19.88 2.11
C ALA A 718 2.57 20.36 1.22
N GLU A 719 3.41 21.27 1.73
CA GLU A 719 4.57 21.77 1.00
C GLU A 719 5.86 21.08 1.46
N ASN A 720 6.14 21.12 2.76
CA ASN A 720 7.25 20.40 3.37
C ASN A 720 6.70 19.33 4.31
N ASP A 721 7.59 18.48 4.79
CA ASP A 721 7.18 17.26 5.50
C ASP A 721 7.12 17.45 7.01
N ARG A 722 6.61 18.57 7.52
CA ARG A 722 6.57 18.81 8.96
C ARG A 722 5.17 19.11 9.51
N HIS A 723 4.10 18.99 8.70
CA HIS A 723 2.75 19.24 9.20
C HIS A 723 2.28 18.14 10.15
N HIS A 724 2.88 16.96 10.05
CA HIS A 724 2.51 15.86 10.92
C HIS A 724 2.78 16.22 12.37
N ALA A 725 3.87 16.95 12.62
CA ALA A 725 4.09 17.54 13.94
C ALA A 725 2.96 18.48 14.33
N LEU A 726 2.39 19.21 13.36
CA LEU A 726 1.26 20.09 13.67
C LEU A 726 0.13 19.32 14.33
N ASP A 727 -0.39 18.29 13.65
CA ASP A 727 -1.51 17.60 14.29
C ASP A 727 -1.08 16.79 15.50
N ALA A 728 0.17 16.32 15.55
CA ALA A 728 0.64 15.75 16.80
C ALA A 728 0.50 16.73 17.97
N VAL A 729 0.91 17.98 17.75
CA VAL A 729 0.77 19.00 18.79
C VAL A 729 -0.71 19.24 19.10
N VAL A 730 -1.54 19.39 18.06
CA VAL A 730 -2.95 19.73 18.27
C VAL A 730 -3.65 18.69 19.12
N VAL A 731 -3.33 17.41 18.92
CA VAL A 731 -3.96 16.35 19.69
C VAL A 731 -3.22 16.02 20.98
N ALA A 732 -1.99 16.48 21.13
CA ALA A 732 -1.38 16.37 22.44
C ALA A 732 -2.15 17.20 23.46
N CYS A 733 -2.68 18.35 23.02
CA CYS A 733 -3.26 19.32 23.93
C CYS A 733 -4.70 19.01 24.30
N SER A 734 -5.36 18.05 23.65
CA SER A 734 -6.78 17.74 23.90
C SER A 734 -6.88 16.92 25.18
N THR A 735 -6.71 17.61 26.31
CA THR A 735 -6.88 17.04 27.65
C THR A 735 -8.30 17.33 28.12
N VAL A 736 -8.67 16.75 29.26
CA VAL A 736 -10.04 16.94 29.75
C VAL A 736 -10.25 18.36 30.27
N ALA A 737 -9.21 18.98 30.82
CA ALA A 737 -9.34 20.37 31.25
C ALA A 737 -9.61 21.29 30.06
N MET A 738 -8.91 21.04 28.95
CA MET A 738 -9.12 21.84 27.76
C MET A 738 -10.53 21.64 27.20
N GLN A 739 -11.00 20.39 27.21
CA GLN A 739 -12.36 20.11 26.77
C GLN A 739 -13.38 20.78 27.68
N GLN A 740 -13.10 20.85 28.98
CA GLN A 740 -13.90 21.68 29.89
C GLN A 740 -13.98 23.11 29.41
N LYS A 741 -12.83 23.73 29.19
CA LYS A 741 -12.80 25.14 28.81
C LYS A 741 -13.61 25.36 27.53
N ILE A 742 -13.38 24.51 26.53
CA ILE A 742 -14.09 24.64 25.27
C ILE A 742 -15.59 24.48 25.48
N THR A 743 -15.99 23.51 26.31
CA THR A 743 -17.41 23.27 26.50
C THR A 743 -18.08 24.43 27.21
N ARG A 744 -17.44 24.99 28.24
CA ARG A 744 -17.99 26.18 28.88
C ARG A 744 -18.14 27.32 27.89
N PHE A 745 -17.08 27.58 27.11
CA PHE A 745 -17.14 28.69 26.15
C PHE A 745 -18.26 28.50 25.15
N VAL A 746 -18.34 27.31 24.55
CA VAL A 746 -19.35 27.06 23.53
C VAL A 746 -20.74 27.14 24.14
N ARG A 747 -20.92 26.58 25.33
CA ARG A 747 -22.21 26.68 26.01
C ARG A 747 -22.61 28.13 26.22
N TYR A 748 -21.67 28.94 26.72
CA TYR A 748 -21.94 30.36 26.93
C TYR A 748 -22.40 31.00 25.62
N LYS A 749 -21.50 31.03 24.63
CA LYS A 749 -21.80 31.60 23.31
C LYS A 749 -23.10 31.05 22.70
N GLU A 750 -23.48 29.82 23.05
CA GLU A 750 -24.71 29.21 22.56
C GLU A 750 -25.95 30.01 22.96
N MET A 751 -26.04 30.31 24.22
CA MET A 751 -27.15 31.05 24.74
C MET A 751 -26.72 32.36 25.25
N ASN A 752 -26.01 33.02 24.40
CA ASN A 752 -25.44 34.30 24.63
C ASN A 752 -24.59 34.42 25.79
N ALA A 753 -25.00 35.23 26.73
CA ALA A 753 -24.24 35.51 27.91
C ALA A 753 -22.85 35.90 27.54
N PHE A 754 -22.72 36.94 26.77
CA PHE A 754 -21.41 37.47 26.44
C PHE A 754 -21.62 38.95 26.37
N ASP A 755 -22.08 39.54 27.47
CA ASP A 755 -22.29 40.98 27.55
C ASP A 755 -22.28 41.59 28.96
N GLY A 756 -21.13 41.63 29.59
CA GLY A 756 -20.98 42.21 30.91
C GLY A 756 -21.08 41.33 32.15
N LYS A 757 -21.61 40.13 32.00
CA LYS A 757 -21.80 39.20 33.13
C LYS A 757 -20.53 38.49 33.59
N THR A 758 -20.66 37.56 34.55
CA THR A 758 -19.47 36.87 35.06
C THR A 758 -19.89 35.63 35.83
N ILE A 759 -18.97 34.67 35.90
CA ILE A 759 -19.16 33.42 36.61
C ILE A 759 -18.00 33.20 37.56
N ASP A 760 -18.32 32.88 38.81
CA ASP A 760 -17.32 32.60 39.86
C ASP A 760 -16.26 33.70 39.98
N LEU A 767 -16.89 38.56 32.09
CA LEU A 767 -17.24 38.03 30.77
C LEU A 767 -17.21 39.16 29.74
N HIS A 768 -16.03 39.48 29.23
CA HIS A 768 -15.93 40.50 28.20
C HIS A 768 -16.66 40.06 26.94
N GLN A 769 -17.17 41.05 26.19
CA GLN A 769 -18.09 40.81 25.08
C GLN A 769 -17.39 40.40 23.77
N LYS A 770 -16.07 40.15 23.81
CA LYS A 770 -15.29 39.72 22.64
C LYS A 770 -14.29 38.66 23.08
N THR A 771 -14.79 37.51 23.51
CA THR A 771 -13.95 36.37 23.93
C THR A 771 -13.95 35.34 22.81
N HIS A 772 -12.77 35.02 22.28
CA HIS A 772 -12.65 33.95 21.31
C HIS A 772 -12.05 32.72 21.98
N PHE A 773 -12.21 31.58 21.31
CA PHE A 773 -11.83 30.23 21.73
C PHE A 773 -10.77 30.04 22.75
N PRO A 774 -11.03 29.27 23.77
CA PRO A 774 -10.05 29.06 24.84
C PRO A 774 -8.83 28.29 24.36
N GLN A 775 -7.86 28.99 23.79
CA GLN A 775 -6.62 28.36 23.38
C GLN A 775 -5.83 27.95 24.63
N PRO A 776 -4.94 26.94 24.49
CA PRO A 776 -4.22 26.42 25.68
C PRO A 776 -3.53 27.52 26.47
N TRP A 777 -2.59 28.21 25.83
CA TRP A 777 -1.98 29.40 26.39
C TRP A 777 -2.00 30.51 25.34
N GLU A 778 -1.92 31.75 25.81
CA GLU A 778 -1.79 32.87 24.89
C GLU A 778 -0.53 32.69 24.04
N PHE A 779 -0.66 32.96 22.75
CA PHE A 779 0.39 32.72 21.77
C PHE A 779 0.71 31.22 21.68
N PHE A 780 -0.30 30.45 21.30
CA PHE A 780 -0.09 29.04 21.01
C PHE A 780 0.41 28.86 19.58
N ALA A 781 -0.32 29.41 18.62
CA ALA A 781 0.02 29.24 17.22
C ALA A 781 1.38 29.84 16.90
N GLN A 782 1.69 31.02 17.44
CA GLN A 782 2.97 31.65 17.14
C GLN A 782 4.13 30.78 17.57
N GLU A 783 4.16 30.38 18.85
CA GLU A 783 5.25 29.52 19.33
C GLU A 783 5.32 28.24 18.52
N VAL A 784 4.19 27.57 18.35
CA VAL A 784 4.20 26.26 17.70
C VAL A 784 4.72 26.37 16.28
N MET A 785 4.25 27.38 15.54
CA MET A 785 4.68 27.55 14.16
C MET A 785 6.15 27.92 14.07
N ILE A 786 6.62 28.81 14.96
CA ILE A 786 8.05 29.11 15.03
C ILE A 786 8.86 27.83 15.19
N ARG A 787 8.54 27.06 16.24
CA ARG A 787 9.33 25.88 16.55
C ARG A 787 9.30 24.89 15.39
N VAL A 788 8.11 24.59 14.87
CA VAL A 788 7.98 23.55 13.87
C VAL A 788 8.66 23.95 12.57
N PHE A 789 8.50 25.21 12.14
CA PHE A 789 8.97 25.62 10.83
C PHE A 789 10.19 26.54 10.87
N GLY A 790 10.58 27.05 12.02
CA GLY A 790 11.68 27.99 12.09
C GLY A 790 11.37 29.37 11.55
N LYS A 791 10.19 29.58 10.97
CA LYS A 791 9.77 30.85 10.41
C LYS A 791 8.44 31.28 11.03
N PRO A 792 8.18 32.58 11.10
CA PRO A 792 6.91 33.02 11.68
C PRO A 792 5.72 32.68 10.79
N ASP A 793 4.64 32.24 11.42
CA ASP A 793 3.44 31.86 10.69
C ASP A 793 2.95 33.03 9.83
N GLY A 794 2.40 32.69 8.66
CA GLY A 794 2.04 33.67 7.68
C GLY A 794 3.17 34.10 6.77
N LYS A 795 4.42 33.84 7.15
CA LYS A 795 5.58 34.19 6.36
C LYS A 795 6.43 32.94 6.14
N PRO A 796 6.06 32.10 5.17
CA PRO A 796 6.81 30.86 4.90
C PRO A 796 8.05 31.05 4.05
N GLU A 797 8.33 32.26 3.59
CA GLU A 797 9.52 32.55 2.79
C GLU A 797 10.45 33.48 3.54
N PHE A 798 10.49 33.29 4.86
CA PHE A 798 11.42 33.98 5.74
C PHE A 798 12.79 33.35 5.60
N GLU A 799 13.72 33.75 6.46
CA GLU A 799 15.00 33.08 6.58
C GLU A 799 14.86 32.03 7.67
N GLU A 800 14.95 30.76 7.30
CA GLU A 800 14.74 29.71 8.28
C GLU A 800 15.79 29.79 9.37
N ALA A 801 15.34 29.66 10.62
CA ALA A 801 16.23 29.62 11.78
C ALA A 801 16.69 28.18 11.94
N ASP A 802 17.81 27.84 11.30
CA ASP A 802 18.32 26.48 11.30
C ASP A 802 19.41 26.28 12.36
N THR A 803 19.39 27.05 13.43
CA THR A 803 20.32 26.82 14.54
C THR A 803 19.56 26.98 15.85
N LEU A 804 20.16 26.45 16.91
CA LEU A 804 19.68 26.76 18.26
C LEU A 804 19.75 28.24 18.54
N GLU A 805 20.84 28.88 18.13
CA GLU A 805 21.02 30.27 18.47
C GLU A 805 19.91 31.12 17.84
N LYS A 806 19.74 31.03 16.52
CA LYS A 806 18.65 31.73 15.83
C LYS A 806 17.27 31.35 16.35
N LEU A 807 16.99 30.05 16.54
CA LEU A 807 15.66 29.65 16.97
C LEU A 807 15.33 30.20 18.35
N ARG A 808 16.26 30.05 19.31
CA ARG A 808 16.02 30.53 20.66
C ARG A 808 15.94 32.05 20.71
N THR A 809 16.80 32.75 19.96
CA THR A 809 16.70 34.19 19.93
C THR A 809 15.40 34.63 19.25
N LEU A 810 14.92 33.88 18.26
CA LEU A 810 13.66 34.23 17.62
C LEU A 810 12.47 33.97 18.53
N LEU A 811 12.60 33.02 19.45
CA LEU A 811 11.52 32.74 20.39
C LEU A 811 11.49 33.75 21.53
N ALA A 812 12.66 34.16 22.03
CA ALA A 812 12.70 35.25 23.00
C ALA A 812 12.44 36.60 22.33
N GLU A 813 12.57 36.64 21.01
CA GLU A 813 12.44 37.85 20.20
C GLU A 813 10.98 38.11 19.83
N LYS A 814 10.38 37.21 19.05
CA LYS A 814 9.01 37.39 18.59
C LYS A 814 8.01 37.32 19.74
N LEU A 815 8.17 36.34 20.63
CA LEU A 815 7.21 36.14 21.72
C LEU A 815 7.70 36.92 22.94
N SER A 816 7.16 38.12 23.11
CA SER A 816 7.56 38.97 24.23
C SER A 816 7.07 38.39 25.55
N SER A 817 5.76 38.17 25.67
CA SER A 817 5.13 37.85 26.94
C SER A 817 5.32 36.40 27.37
N ARG A 818 5.94 35.56 26.55
CA ARG A 818 6.14 34.14 26.82
C ARG A 818 7.62 33.85 26.96
N PRO A 819 8.20 34.03 28.15
CA PRO A 819 9.59 33.59 28.37
C PRO A 819 9.71 32.10 28.64
N GLU A 820 8.59 31.42 28.83
CA GLU A 820 8.53 29.98 29.06
C GLU A 820 8.76 29.17 27.79
N ALA A 821 9.02 29.84 26.67
CA ALA A 821 9.29 29.19 25.40
C ALA A 821 10.78 29.01 25.13
N VAL A 822 11.64 29.42 26.06
CA VAL A 822 13.10 29.34 25.89
C VAL A 822 13.65 28.60 27.10
N HIS A 823 13.97 27.34 26.86
CA HIS A 823 14.54 26.45 27.83
C HIS A 823 15.62 25.60 27.23
N GLU A 824 16.04 24.56 27.91
CA GLU A 824 17.18 23.77 27.45
C GLU A 824 16.76 22.63 26.51
N TYR A 825 15.49 22.52 26.15
CA TYR A 825 15.04 21.49 25.23
C TYR A 825 14.59 22.04 23.89
N VAL A 826 14.74 23.33 23.64
CA VAL A 826 14.40 23.90 22.34
C VAL A 826 15.49 23.48 21.35
N THR A 827 15.13 22.62 20.40
CA THR A 827 15.98 22.17 19.32
C THR A 827 15.18 22.28 18.04
N PRO A 828 15.79 22.75 16.95
CA PRO A 828 15.06 22.80 15.68
C PRO A 828 14.67 21.42 15.17
N LEU A 829 13.59 21.40 14.39
CA LEU A 829 13.07 20.18 13.81
C LEU A 829 13.99 19.65 12.71
N PHE A 830 14.50 18.42 12.89
CA PHE A 830 15.22 17.74 11.83
C PHE A 830 14.55 16.38 11.60
N VAL A 831 13.92 16.23 10.44
CA VAL A 831 13.17 15.01 10.16
C VAL A 831 14.10 13.82 10.10
N SER A 832 13.69 12.73 10.74
CA SER A 832 14.40 11.47 10.70
C SER A 832 13.82 10.60 9.60
N ARG A 833 14.67 9.84 8.93
CA ARG A 833 14.23 9.03 7.80
C ARG A 833 14.66 7.58 7.96
N ALA A 834 13.94 6.70 7.29
CA ALA A 834 14.19 5.26 7.38
C ALA A 834 15.55 4.91 6.79
N PRO A 835 16.45 4.33 7.58
CA PRO A 835 17.74 3.85 7.03
C PRO A 835 17.59 2.53 6.41
N ASN A 836 17.72 2.43 5.08
CA ASN A 836 17.65 1.19 4.35
C ASN A 836 19.06 0.77 3.91
N ARG A 837 19.84 0.30 4.89
CA ARG A 837 21.20 -0.13 4.64
C ARG A 837 21.30 -1.63 4.35
N LYS A 838 20.30 -2.20 3.69
CA LYS A 838 20.36 -3.60 3.31
C LYS A 838 21.45 -3.83 2.27
N MET A 839 21.97 -5.05 2.23
CA MET A 839 22.89 -5.48 1.18
C MET A 839 22.34 -6.66 0.40
N SER A 840 21.01 -6.72 0.26
CA SER A 840 20.34 -7.66 -0.61
C SER A 840 19.37 -6.89 -1.50
N GLY A 841 18.92 -7.54 -2.56
CA GLY A 841 17.95 -6.91 -3.45
C GLY A 841 18.05 -7.51 -4.85
N GLN A 842 17.58 -6.73 -5.81
CA GLN A 842 17.57 -7.18 -7.20
C GLN A 842 18.97 -7.19 -7.78
N GLY A 843 19.29 -8.25 -8.51
CA GLY A 843 20.58 -8.37 -9.15
C GLY A 843 20.71 -7.51 -10.39
N HIS A 844 19.73 -7.63 -11.29
CA HIS A 844 19.81 -6.93 -12.57
C HIS A 844 18.42 -6.81 -13.15
N MET A 845 18.30 -5.93 -14.14
CA MET A 845 17.03 -5.78 -14.85
C MET A 845 16.76 -7.04 -15.67
N GLU A 846 15.49 -7.34 -15.90
CA GLU A 846 15.11 -8.63 -16.47
C GLU A 846 15.06 -8.64 -18.00
N THR A 847 15.43 -7.55 -18.67
CA THR A 847 15.59 -7.56 -20.11
C THR A 847 17.04 -7.94 -20.43
N VAL A 848 17.23 -9.08 -21.07
CA VAL A 848 18.54 -9.57 -21.42
C VAL A 848 18.87 -9.09 -22.83
N LYS A 849 19.97 -8.37 -22.97
CA LYS A 849 20.43 -7.88 -24.25
C LYS A 849 21.69 -8.63 -24.68
N SER A 850 21.91 -8.73 -25.98
CA SER A 850 23.11 -9.37 -26.49
C SER A 850 24.34 -8.54 -26.14
N ALA A 851 25.44 -9.23 -25.84
CA ALA A 851 26.70 -8.55 -25.55
C ALA A 851 27.75 -8.78 -26.61
N LYS A 852 27.42 -9.49 -27.70
CA LYS A 852 28.36 -9.72 -28.79
C LYS A 852 29.05 -8.44 -29.23
N ARG A 853 28.35 -7.31 -29.25
CA ARG A 853 28.90 -6.06 -29.74
C ARG A 853 29.36 -5.15 -28.60
N LEU A 854 29.53 -5.69 -27.40
CA LEU A 854 29.87 -4.82 -26.29
C LEU A 854 31.28 -4.27 -26.39
N ASP A 855 32.07 -4.70 -27.37
CA ASP A 855 33.40 -4.12 -27.54
C ASP A 855 33.35 -2.60 -27.74
N GLU A 856 32.33 -2.10 -28.46
CA GLU A 856 32.25 -0.70 -28.85
C GLU A 856 31.19 0.07 -28.07
N GLY A 857 30.50 -0.55 -27.13
CA GLY A 857 29.52 0.15 -26.33
C GLY A 857 28.07 0.05 -26.75
N VAL A 858 27.71 -0.94 -27.56
CA VAL A 858 26.33 -1.13 -28.00
C VAL A 858 25.87 -2.55 -27.67
N SER A 859 24.56 -2.77 -27.76
CA SER A 859 23.99 -4.08 -27.50
C SER A 859 22.69 -4.20 -28.28
N VAL A 860 22.43 -5.37 -28.86
CA VAL A 860 21.32 -5.52 -29.79
C VAL A 860 20.15 -6.23 -29.10
N LEU A 861 18.96 -5.65 -29.18
CA LEU A 861 17.76 -6.23 -28.59
C LEU A 861 16.69 -6.26 -29.67
N ARG A 862 16.00 -7.40 -29.78
CA ARG A 862 14.93 -7.54 -30.76
C ARG A 862 13.72 -6.76 -30.25
N VAL A 863 13.44 -5.64 -30.90
CA VAL A 863 12.30 -4.79 -30.56
C VAL A 863 11.14 -5.20 -31.47
N PRO A 864 9.99 -5.58 -30.93
CA PRO A 864 8.89 -6.01 -31.79
C PRO A 864 8.30 -4.85 -32.59
N LEU A 865 7.75 -5.19 -33.75
CA LEU A 865 7.30 -4.15 -34.67
C LEU A 865 6.14 -3.34 -34.10
N THR A 866 5.30 -3.97 -33.29
CA THR A 866 4.15 -3.25 -32.75
C THR A 866 4.54 -2.15 -31.77
N GLN A 867 5.77 -2.14 -31.26
CA GLN A 867 6.11 -1.13 -30.25
C GLN A 867 7.41 -0.39 -30.55
N LEU A 868 7.92 -0.41 -31.79
CA LEU A 868 9.09 0.39 -32.12
C LEU A 868 8.64 1.69 -32.79
N LYS A 869 9.14 2.81 -32.28
CA LYS A 869 8.81 4.13 -32.80
C LYS A 869 10.00 4.68 -33.58
N LEU A 870 9.93 5.97 -33.96
CA LEU A 870 10.98 6.57 -34.78
C LEU A 870 12.33 6.49 -34.12
N LYS A 871 12.42 6.94 -32.86
CA LYS A 871 13.69 6.94 -32.15
C LYS A 871 14.28 5.55 -32.09
N ASP A 872 13.44 4.54 -31.86
CA ASP A 872 13.91 3.17 -31.87
C ASP A 872 14.35 2.75 -33.26
N LEU A 873 13.62 3.19 -34.29
CA LEU A 873 13.94 2.77 -35.65
C LEU A 873 15.28 3.31 -36.11
N GLU A 874 15.59 4.56 -35.77
CA GLU A 874 16.85 5.16 -36.23
C GLU A 874 18.06 4.33 -35.83
N LYS A 875 17.96 3.57 -34.75
CA LYS A 875 19.04 2.71 -34.28
C LYS A 875 18.94 1.29 -34.84
N MET A 876 18.05 1.04 -35.79
CA MET A 876 17.90 -0.30 -36.34
C MET A 876 19.23 -0.82 -36.87
N VAL A 877 19.51 -2.09 -36.62
CA VAL A 877 20.83 -2.65 -36.88
C VAL A 877 21.15 -2.67 -38.36
N ASN A 878 20.15 -2.83 -39.20
CA ASN A 878 20.35 -2.94 -40.64
C ASN A 878 19.78 -1.73 -41.36
N ARG A 879 19.97 -0.55 -40.77
CA ARG A 879 19.53 0.67 -41.44
C ARG A 879 20.30 0.89 -42.73
N GLU A 880 21.58 0.51 -42.74
CA GLU A 880 22.40 0.52 -43.94
C GLU A 880 22.50 -0.87 -44.58
N ARG A 881 21.42 -1.65 -44.50
CA ARG A 881 21.44 -2.98 -45.09
C ARG A 881 20.11 -3.40 -45.67
N GLU A 882 19.07 -2.60 -45.40
CA GLU A 882 17.79 -2.73 -46.09
C GLU A 882 17.19 -1.34 -46.22
N PRO A 883 17.83 -0.46 -46.99
CA PRO A 883 17.26 0.88 -47.16
C PRO A 883 15.83 0.83 -47.66
N LYS A 884 15.42 -0.26 -48.31
CA LYS A 884 14.02 -0.42 -48.67
C LYS A 884 13.17 -0.79 -47.46
N LEU A 885 13.69 -1.68 -46.60
CA LEU A 885 13.02 -1.97 -45.34
C LEU A 885 13.01 -0.76 -44.43
N TYR A 886 14.20 -0.19 -44.18
CA TYR A 886 14.29 1.04 -43.40
C TYR A 886 13.29 2.06 -43.94
N GLU A 887 13.24 2.22 -45.27
CA GLU A 887 12.42 3.25 -45.87
C GLU A 887 10.94 2.95 -45.73
N ALA A 888 10.54 1.71 -45.97
CA ALA A 888 9.15 1.34 -45.74
C ALA A 888 8.75 1.58 -44.30
N LEU A 889 9.64 1.26 -43.35
CA LEU A 889 9.30 1.40 -41.93
C LEU A 889 9.23 2.86 -41.51
N LYS A 890 10.25 3.64 -41.86
CA LYS A 890 10.24 5.08 -41.66
C LYS A 890 9.03 5.72 -42.31
N ALA A 891 8.77 5.38 -43.57
CA ALA A 891 7.62 5.90 -44.30
C ALA A 891 6.33 5.59 -43.57
N ARG A 892 6.19 4.36 -43.07
CA ARG A 892 4.93 3.97 -42.43
C ARG A 892 4.75 4.64 -41.08
N LEU A 893 5.81 4.71 -40.30
CA LEU A 893 5.72 5.40 -39.02
C LEU A 893 5.38 6.88 -39.20
N GLU A 894 6.04 7.55 -40.17
CA GLU A 894 5.68 8.92 -40.46
C GLU A 894 4.28 9.01 -41.08
N ALA A 895 3.88 7.98 -41.79
CA ALA A 895 2.58 7.99 -42.44
C ALA A 895 1.46 7.95 -41.42
N HIS A 896 1.61 7.10 -40.41
CA HIS A 896 0.60 6.94 -39.38
C HIS A 896 0.81 7.89 -38.21
N LYS A 897 1.70 8.87 -38.36
CA LYS A 897 2.12 9.73 -37.26
C LYS A 897 2.56 8.87 -36.08
N ASP A 898 3.48 7.96 -36.39
CA ASP A 898 4.02 6.93 -35.51
C ASP A 898 3.29 6.68 -34.19
N ASP A 899 2.20 5.92 -34.27
CA ASP A 899 1.62 5.22 -33.12
C ASP A 899 1.71 3.76 -33.55
N PRO A 900 2.84 3.11 -33.24
CA PRO A 900 3.12 1.81 -33.89
C PRO A 900 2.11 0.72 -33.59
N ALA A 901 1.67 0.59 -32.33
CA ALA A 901 0.73 -0.47 -31.96
C ALA A 901 -0.45 -0.56 -32.92
N LYS A 902 -0.91 0.59 -33.40
CA LYS A 902 -1.91 0.64 -34.46
C LYS A 902 -1.27 0.66 -35.84
N ALA A 903 -0.08 1.21 -35.97
CA ALA A 903 0.54 1.42 -37.26
C ALA A 903 1.23 0.17 -37.81
N PHE A 904 1.23 -0.92 -37.04
CA PHE A 904 1.87 -2.15 -37.49
C PHE A 904 0.98 -3.34 -37.18
N ALA A 905 -0.26 -3.08 -36.77
CA ALA A 905 -1.29 -4.11 -36.66
C ALA A 905 -1.83 -4.58 -38.00
N GLU A 906 -1.22 -4.20 -39.12
CA GLU A 906 -1.59 -4.70 -40.43
C GLU A 906 -0.36 -5.40 -41.00
N PRO A 907 -0.41 -6.72 -41.22
CA PRO A 907 0.83 -7.45 -41.54
C PRO A 907 1.66 -6.77 -42.62
N PHE A 908 2.96 -6.62 -42.34
CA PHE A 908 3.87 -5.83 -43.14
C PHE A 908 5.02 -6.75 -43.54
N TYR A 909 5.27 -6.85 -44.85
CA TYR A 909 6.18 -7.86 -45.35
C TYR A 909 7.50 -7.25 -45.86
N LYS A 910 8.17 -7.97 -46.76
CA LYS A 910 9.53 -7.68 -47.16
C LYS A 910 9.59 -7.84 -48.68
N TYR A 911 9.42 -6.72 -49.39
CA TYR A 911 9.39 -6.70 -50.84
C TYR A 911 10.79 -6.85 -51.44
N ASP A 912 10.87 -7.62 -52.52
CA ASP A 912 12.12 -8.02 -53.16
C ASP A 912 12.85 -6.82 -53.75
N LYS A 913 14.10 -7.07 -54.16
CA LYS A 913 14.90 -6.10 -54.89
C LYS A 913 14.19 -5.59 -56.13
N ALA A 914 13.46 -6.47 -56.81
CA ALA A 914 12.55 -6.11 -57.89
C ALA A 914 11.40 -7.09 -57.93
N GLY A 915 10.51 -7.07 -56.93
CA GLY A 915 9.54 -8.15 -56.85
C GLY A 915 8.44 -7.94 -55.87
N ASN A 916 7.66 -9.00 -55.69
CA ASN A 916 6.51 -9.04 -54.82
C ASN A 916 6.93 -9.43 -53.41
N ARG A 917 5.97 -9.30 -52.48
CA ARG A 917 6.24 -9.56 -51.07
C ARG A 917 6.65 -11.01 -50.84
N THR A 918 7.41 -11.23 -49.77
CA THR A 918 8.07 -12.50 -49.57
C THR A 918 7.92 -13.00 -48.12
N GLN A 919 8.26 -12.16 -47.15
CA GLN A 919 8.44 -12.64 -45.79
C GLN A 919 7.95 -11.63 -44.78
N GLN A 920 7.07 -12.08 -43.88
CA GLN A 920 6.55 -11.22 -42.82
C GLN A 920 7.68 -10.76 -41.91
N VAL A 921 7.50 -9.58 -41.34
CA VAL A 921 8.41 -9.04 -40.31
C VAL A 921 7.59 -8.90 -39.04
N LYS A 922 8.00 -9.63 -38.00
CA LYS A 922 7.25 -9.67 -36.75
C LYS A 922 7.96 -8.99 -35.60
N ALA A 923 9.24 -8.67 -35.78
CA ALA A 923 10.08 -7.95 -34.84
C ALA A 923 11.40 -7.69 -35.56
N VAL A 924 12.08 -6.61 -35.16
CA VAL A 924 13.33 -6.24 -35.82
C VAL A 924 14.32 -5.78 -34.76
N ARG A 925 15.61 -6.02 -35.04
CA ARG A 925 16.64 -5.71 -34.07
C ARG A 925 16.92 -4.22 -33.99
N VAL A 926 17.33 -3.78 -32.81
CA VAL A 926 17.68 -2.39 -32.55
C VAL A 926 18.88 -2.37 -31.62
N GLU A 927 19.93 -1.63 -32.01
CA GLU A 927 21.13 -1.51 -31.19
C GLU A 927 20.97 -0.30 -30.28
N GLN A 928 21.17 -0.50 -28.99
CA GLN A 928 21.11 0.58 -28.02
C GLN A 928 22.44 0.69 -27.29
N VAL A 929 22.72 1.93 -26.86
CA VAL A 929 23.99 2.25 -26.21
C VAL A 929 24.13 1.46 -24.92
N GLN A 930 25.37 1.18 -24.55
CA GLN A 930 25.62 0.43 -23.32
C GLN A 930 27.08 0.53 -22.96
N LYS A 931 27.33 0.84 -21.70
CA LYS A 931 28.67 0.92 -21.19
C LYS A 931 28.82 0.09 -19.92
N THR A 932 27.73 -0.44 -19.37
CA THR A 932 27.69 -1.22 -18.17
C THR A 932 26.83 -2.43 -18.44
N GLY A 933 27.12 -3.51 -17.77
CA GLY A 933 26.20 -4.62 -17.80
C GLY A 933 26.26 -5.44 -16.55
N VAL A 934 25.68 -6.60 -16.62
CA VAL A 934 25.74 -7.54 -15.58
C VAL A 934 25.65 -8.77 -16.41
N TRP A 935 26.69 -9.54 -16.52
CA TRP A 935 26.66 -10.69 -17.37
C TRP A 935 25.79 -11.75 -16.87
N VAL A 936 24.60 -11.84 -17.38
CA VAL A 936 23.70 -12.86 -16.97
C VAL A 936 23.51 -13.90 -18.00
N ARG A 937 22.67 -14.86 -17.71
CA ARG A 937 22.37 -15.97 -18.59
C ARG A 937 23.65 -16.61 -19.13
N ASN A 938 24.44 -17.16 -18.20
CA ASN A 938 25.60 -18.01 -18.54
C ASN A 938 26.58 -17.26 -19.44
N HIS A 939 26.88 -16.01 -19.08
CA HIS A 939 27.76 -15.15 -19.86
C HIS A 939 27.34 -15.05 -21.32
N ASN A 940 26.08 -15.39 -21.61
CA ASN A 940 25.55 -15.28 -22.95
C ASN A 940 24.78 -14.00 -23.16
N GLY A 941 24.29 -13.37 -22.09
CA GLY A 941 23.58 -12.13 -22.21
C GLY A 941 24.11 -11.11 -21.23
N ILE A 942 23.86 -9.85 -21.52
CA ILE A 942 24.17 -8.75 -20.63
C ILE A 942 22.87 -8.05 -20.27
N ALA A 943 22.71 -7.72 -18.99
CA ALA A 943 21.49 -7.08 -18.51
C ALA A 943 21.85 -5.79 -17.81
N ASP A 944 20.94 -4.92 -17.58
CA ASP A 944 21.23 -3.70 -16.93
C ASP A 944 21.30 -3.88 -15.45
N ASN A 945 21.83 -2.94 -14.72
CA ASN A 945 21.84 -3.06 -13.30
C ASN A 945 20.70 -2.31 -12.73
N ALA A 946 20.46 -2.54 -11.45
CA ALA A 946 19.35 -2.00 -10.79
C ALA A 946 19.52 -1.48 -9.40
N THR A 947 20.31 -2.17 -8.56
CA THR A 947 20.42 -1.82 -7.16
C THR A 947 21.87 -1.55 -6.79
N MET A 948 22.09 -0.37 -6.26
CA MET A 948 23.39 0.05 -5.74
C MET A 948 23.28 0.07 -4.22
N VAL A 949 23.59 -1.07 -3.61
CA VAL A 949 23.45 -1.20 -2.17
C VAL A 949 24.40 -0.28 -1.42
N ARG A 950 25.50 0.15 -2.04
CA ARG A 950 26.47 0.87 -1.24
C ARG A 950 27.38 1.70 -2.12
N VAL A 951 28.01 2.70 -1.51
CA VAL A 951 29.02 3.52 -2.18
C VAL A 951 30.16 3.72 -1.19
N ASP A 952 31.28 3.04 -1.43
CA ASP A 952 32.43 3.19 -0.56
C ASP A 952 33.20 4.43 -0.94
N VAL A 953 33.61 5.22 0.06
CA VAL A 953 34.22 6.51 -0.18
C VAL A 953 35.65 6.48 0.32
N PHE A 954 36.58 6.92 -0.52
CA PHE A 954 37.99 6.98 -0.20
C PHE A 954 38.48 8.41 -0.33
N GLU A 955 39.61 8.70 0.31
CA GLU A 955 40.20 10.04 0.23
C GLU A 955 41.71 9.92 0.17
N LYS A 956 42.29 10.36 -0.95
CA LYS A 956 43.73 10.44 -1.10
C LYS A 956 44.08 11.80 -1.70
N GLY A 957 45.08 12.45 -1.11
CA GLY A 957 45.48 13.77 -1.60
C GLY A 957 44.39 14.81 -1.54
N ASP A 958 43.55 14.76 -0.50
CA ASP A 958 42.46 15.72 -0.30
C ASP A 958 41.47 15.72 -1.45
N LYS A 959 41.38 14.60 -2.17
CA LYS A 959 40.39 14.40 -3.21
C LYS A 959 39.55 13.19 -2.85
N TYR A 960 38.30 13.19 -3.28
CA TYR A 960 37.31 12.24 -2.79
C TYR A 960 36.87 11.31 -3.91
N TYR A 961 36.86 10.00 -3.62
CA TYR A 961 36.71 8.97 -4.63
C TYR A 961 35.57 8.04 -4.25
N LEU A 962 34.70 7.78 -5.22
CA LEU A 962 33.45 7.06 -4.99
C LEU A 962 33.51 5.71 -5.69
N VAL A 963 33.17 4.65 -4.96
CA VAL A 963 33.25 3.28 -5.45
C VAL A 963 31.87 2.65 -5.31
N PRO A 964 31.10 2.59 -6.39
CA PRO A 964 29.78 1.95 -6.32
C PRO A 964 29.89 0.46 -6.07
N ILE A 965 29.04 -0.04 -5.18
CA ILE A 965 28.94 -1.46 -4.87
C ILE A 965 27.51 -1.88 -5.12
N TYR A 966 27.32 -2.75 -6.10
CA TYR A 966 26.02 -3.24 -6.54
C TYR A 966 25.71 -4.54 -5.82
N SER A 967 24.61 -5.19 -6.21
CA SER A 967 24.13 -6.36 -5.49
C SER A 967 24.49 -7.68 -6.13
N TRP A 968 25.09 -7.68 -7.33
CA TRP A 968 25.65 -8.95 -7.81
C TRP A 968 27.08 -9.09 -7.34
N GLN A 969 27.81 -7.96 -7.32
CA GLN A 969 29.11 -7.87 -6.69
C GLN A 969 29.08 -8.36 -5.25
N VAL A 970 27.89 -8.40 -4.64
CA VAL A 970 27.73 -8.96 -3.30
C VAL A 970 27.46 -10.46 -3.36
N ALA A 971 26.63 -10.90 -4.31
CA ALA A 971 26.38 -12.32 -4.48
C ALA A 971 27.67 -13.09 -4.73
N LYS A 972 28.51 -12.57 -5.63
CA LYS A 972 29.83 -13.17 -5.84
C LYS A 972 30.82 -12.81 -4.75
N GLY A 973 30.57 -11.74 -4.02
CA GLY A 973 31.52 -11.24 -3.06
C GLY A 973 32.58 -10.34 -3.64
N ILE A 974 32.43 -9.95 -4.91
CA ILE A 974 33.36 -8.98 -5.50
C ILE A 974 33.43 -7.76 -4.60
N LEU A 975 34.62 -7.48 -4.10
CA LEU A 975 34.90 -6.15 -3.57
C LEU A 975 35.50 -5.30 -4.68
N PRO A 976 34.78 -4.28 -5.16
CA PRO A 976 35.25 -3.53 -6.33
C PRO A 976 36.57 -2.81 -6.05
N ASP A 977 37.40 -2.74 -7.08
CA ASP A 977 38.73 -2.14 -6.97
C ASP A 977 38.85 -0.86 -7.77
N ARG A 978 37.73 -0.26 -8.18
CA ARG A 978 37.79 0.89 -9.08
C ARG A 978 36.78 1.94 -8.68
N ALA A 979 37.26 3.18 -8.54
CA ALA A 979 36.43 4.34 -8.25
C ALA A 979 35.87 4.89 -9.57
N VAL A 980 35.18 6.01 -9.50
CA VAL A 980 34.45 6.56 -10.64
C VAL A 980 35.18 7.79 -11.15
N VAL A 981 35.36 7.88 -12.46
CA VAL A 981 35.83 9.08 -13.13
C VAL A 981 34.79 9.46 -14.18
N GLN A 982 34.45 10.75 -14.25
CA GLN A 982 33.43 11.20 -15.17
C GLN A 982 33.88 10.99 -16.62
N GLY A 983 32.97 10.49 -17.44
CA GLY A 983 33.22 10.29 -18.87
C GLY A 983 33.91 8.98 -19.24
N LYS A 984 34.92 8.59 -18.47
CA LYS A 984 35.67 7.37 -18.76
C LYS A 984 34.89 6.14 -18.32
N ASP A 985 34.99 5.08 -19.12
CA ASP A 985 34.28 3.85 -18.82
C ASP A 985 35.06 3.00 -17.81
N GLU A 986 34.43 1.89 -17.40
CA GLU A 986 34.90 1.13 -16.25
C GLU A 986 36.34 0.62 -16.44
N GLU A 987 36.76 0.37 -17.67
CA GLU A 987 38.11 -0.11 -17.91
C GLU A 987 39.17 0.98 -17.79
N ASP A 988 38.75 2.25 -17.80
CA ASP A 988 39.66 3.38 -17.67
C ASP A 988 39.28 4.21 -16.44
N TRP A 989 38.91 3.52 -15.38
CA TRP A 989 38.45 4.10 -14.14
C TRP A 989 39.58 4.07 -13.12
N GLN A 990 39.59 5.04 -12.21
CA GLN A 990 40.65 5.09 -11.22
C GLN A 990 40.63 3.83 -10.37
N LEU A 991 41.80 3.19 -10.23
CA LEU A 991 41.91 2.03 -9.37
C LEU A 991 42.13 2.47 -7.92
N ILE A 992 41.69 1.63 -7.01
CA ILE A 992 41.88 1.84 -5.63
C ILE A 992 42.78 0.76 -5.06
N ASP A 993 43.86 1.19 -4.42
CA ASP A 993 44.84 0.29 -3.85
C ASP A 993 44.97 0.43 -2.36
N ASP A 994 46.18 0.32 -1.88
CA ASP A 994 46.39 0.49 -0.48
C ASP A 994 46.81 1.90 -0.18
N SER A 995 46.87 2.76 -1.16
CA SER A 995 47.25 4.13 -0.97
C SER A 995 46.11 5.01 -0.69
N PHE A 996 44.93 4.47 -0.63
CA PHE A 996 43.75 5.24 -0.46
C PHE A 996 43.19 5.09 0.90
N ASN A 997 43.08 6.21 1.55
CA ASN A 997 42.60 6.27 2.92
C ASN A 997 41.12 5.96 2.95
N PHE A 998 40.73 5.00 3.79
CA PHE A 998 39.30 4.73 3.92
C PHE A 998 38.62 5.85 4.70
N LYS A 999 37.45 6.24 4.25
CA LYS A 999 36.61 7.24 4.93
C LYS A 999 35.41 6.61 5.51
N PHE A 1000 34.38 6.30 4.70
CA PHE A 1000 33.12 5.77 5.17
C PHE A 1000 32.44 5.03 4.03
N SER A 1001 31.28 4.45 4.34
CA SER A 1001 30.48 3.73 3.38
C SER A 1001 29.06 4.27 3.45
N LEU A 1002 28.50 4.63 2.30
CA LEU A 1002 27.16 5.20 2.24
C LEU A 1002 26.16 4.18 1.72
N HIS A 1003 25.05 4.06 2.43
CA HIS A 1003 23.86 3.34 2.04
C HIS A 1003 22.79 4.34 1.71
N PRO A 1004 21.67 3.93 1.09
CA PRO A 1004 20.58 4.88 0.89
C PRO A 1004 20.07 5.42 2.22
N ASN A 1005 19.70 6.70 2.21
CA ASN A 1005 19.23 7.40 3.40
C ASN A 1005 20.24 7.33 4.55
N ASP A 1006 21.51 7.57 4.22
CA ASP A 1006 22.54 7.83 5.21
C ASP A 1006 22.75 9.34 5.28
N LEU A 1007 22.63 9.90 6.47
CA LEU A 1007 22.78 11.33 6.64
C LEU A 1007 24.23 11.73 6.36
N VAL A 1008 24.44 12.56 5.34
CA VAL A 1008 25.75 13.01 4.92
C VAL A 1008 25.76 14.52 4.81
N GLU A 1009 26.95 15.11 5.08
CA GLU A 1009 27.20 16.54 4.92
C GLU A 1009 28.38 16.67 3.97
N VAL A 1010 28.27 17.59 3.02
CA VAL A 1010 29.37 17.92 2.13
C VAL A 1010 29.56 19.43 2.13
N ILE A 1011 30.77 19.88 2.43
CA ILE A 1011 31.10 21.29 2.47
C ILE A 1011 32.12 21.63 1.40
N THR A 1012 31.83 22.70 0.66
CA THR A 1012 32.71 23.30 -0.33
C THR A 1012 32.61 24.81 -0.17
N LYS A 1013 33.35 25.54 -1.00
CA LYS A 1013 33.35 27.00 -0.88
C LYS A 1013 31.99 27.58 -1.26
N LYS A 1014 31.28 26.93 -2.18
CA LYS A 1014 30.02 27.45 -2.67
C LYS A 1014 28.96 27.39 -1.63
N ALA A 1015 28.80 26.21 -1.06
CA ALA A 1015 27.79 26.03 -0.04
C ALA A 1015 28.11 24.87 0.82
N ARG A 1016 27.32 24.75 1.85
CA ARG A 1016 27.36 23.68 2.82
C ARG A 1016 26.08 22.99 2.58
N MET A 1017 26.09 21.70 2.36
CA MET A 1017 24.87 21.02 2.07
C MET A 1017 24.66 19.87 2.99
N PHE A 1018 23.53 19.79 3.64
CA PHE A 1018 23.35 18.71 4.57
C PHE A 1018 22.06 17.94 4.36
N GLY A 1019 22.14 16.65 4.10
CA GLY A 1019 20.91 15.92 3.86
C GLY A 1019 21.13 14.44 3.93
N TYR A 1020 20.21 13.70 3.32
CA TYR A 1020 20.26 12.24 3.28
C TYR A 1020 20.75 11.79 1.92
N PHE A 1021 21.73 10.90 1.90
CA PHE A 1021 22.22 10.35 0.63
C PHE A 1021 21.09 9.60 -0.06
N ALA A 1022 20.93 9.83 -1.37
CA ALA A 1022 19.85 9.22 -2.12
C ALA A 1022 20.33 8.49 -3.36
N SER A 1023 21.14 9.15 -4.18
CA SER A 1023 21.64 8.59 -5.42
C SER A 1023 23.14 8.79 -5.51
N CYS A 1024 23.76 7.97 -6.34
CA CYS A 1024 25.13 8.18 -6.79
C CYS A 1024 25.14 8.01 -8.30
N HIS A 1025 25.54 9.06 -9.00
CA HIS A 1025 25.57 9.04 -10.46
C HIS A 1025 26.75 8.20 -10.94
N ARG A 1026 26.49 7.19 -11.70
CA ARG A 1026 27.55 6.35 -12.13
C ARG A 1026 28.26 7.03 -13.20
N GLY A 1027 27.58 7.65 -14.11
CA GLY A 1027 28.27 8.29 -15.20
C GLY A 1027 29.11 9.41 -14.73
N THR A 1028 28.48 10.39 -14.15
CA THR A 1028 29.02 11.63 -13.67
C THR A 1028 29.76 11.61 -12.38
N GLY A 1029 29.85 10.51 -11.70
CA GLY A 1029 30.52 10.48 -10.40
C GLY A 1029 30.03 11.42 -9.32
N ASN A 1030 28.75 11.77 -9.35
CA ASN A 1030 28.14 12.70 -8.43
C ASN A 1030 27.19 12.00 -7.56
N ILE A 1031 26.80 12.61 -6.46
CA ILE A 1031 25.83 12.00 -5.63
C ILE A 1031 24.71 12.94 -5.41
N ASN A 1032 23.51 12.48 -5.17
CA ASN A 1032 22.37 13.33 -4.89
C ASN A 1032 21.89 13.12 -3.47
N ILE A 1033 21.40 14.20 -2.85
CA ILE A 1033 20.93 14.15 -1.48
C ILE A 1033 19.53 14.73 -1.42
N ARG A 1034 18.72 14.16 -0.53
CA ARG A 1034 17.42 14.68 -0.14
C ARG A 1034 17.61 15.65 1.00
N ILE A 1035 16.72 16.63 1.11
CA ILE A 1035 16.69 17.47 2.30
C ILE A 1035 15.95 16.67 3.37
N HIS A 1036 16.06 17.09 4.63
CA HIS A 1036 15.39 16.36 5.71
C HIS A 1036 13.87 16.44 5.57
N ASP A 1037 13.27 17.57 5.25
CA ASP A 1037 11.86 17.62 4.95
C ASP A 1037 11.97 17.93 3.51
N LEU A 1038 11.37 17.16 2.65
CA LEU A 1038 11.60 17.42 1.27
C LEU A 1038 10.80 18.62 0.95
N ASP A 1039 11.47 19.73 0.77
CA ASP A 1039 10.88 20.99 0.51
C ASP A 1039 11.08 21.36 -0.92
N HIS A 1040 10.20 22.12 -1.51
CA HIS A 1040 10.31 22.53 -2.90
C HIS A 1040 10.94 23.91 -3.08
N LYS A 1041 11.16 24.66 -2.00
CA LYS A 1041 11.91 25.90 -2.10
C LYS A 1041 13.40 25.64 -2.26
N ILE A 1042 13.80 24.36 -2.32
CA ILE A 1042 15.17 23.92 -2.46
C ILE A 1042 15.20 22.76 -3.45
N GLY A 1043 15.99 22.90 -4.53
CA GLY A 1043 16.22 21.82 -5.47
C GLY A 1043 14.97 21.33 -6.16
N LYS A 1044 15.01 20.06 -6.57
CA LYS A 1044 13.89 19.40 -7.26
C LYS A 1044 13.19 18.50 -6.26
N ASN A 1045 12.05 18.99 -5.73
CA ASN A 1045 11.26 18.27 -4.73
C ASN A 1045 12.07 17.98 -3.47
N GLY A 1046 13.04 18.84 -3.16
CA GLY A 1046 13.94 18.59 -2.05
C GLY A 1046 15.00 17.55 -2.32
N ILE A 1047 15.02 16.96 -3.50
CA ILE A 1047 16.11 16.07 -3.90
C ILE A 1047 17.15 16.92 -4.63
N LEU A 1048 18.37 16.93 -4.11
CA LEU A 1048 19.44 17.75 -4.66
C LEU A 1048 20.22 16.91 -5.66
N GLU A 1049 19.89 17.06 -6.95
CA GLU A 1049 20.43 16.21 -8.00
C GLU A 1049 21.71 16.83 -8.55
N GLY A 1050 22.83 16.11 -8.42
CA GLY A 1050 24.09 16.57 -8.96
C GLY A 1050 24.92 17.38 -7.97
N ILE A 1051 25.81 16.71 -7.24
CA ILE A 1051 26.59 17.35 -6.19
C ILE A 1051 28.06 17.01 -6.39
N GLY A 1052 28.93 18.00 -6.19
CA GLY A 1052 30.36 17.77 -6.31
C GLY A 1052 30.93 17.16 -5.04
N VAL A 1053 31.92 16.27 -5.23
CA VAL A 1053 32.55 15.56 -4.12
C VAL A 1053 34.06 15.59 -4.28
N LYS A 1054 34.54 15.63 -5.52
CA LYS A 1054 35.98 15.61 -5.76
C LYS A 1054 36.64 16.94 -5.40
N THR A 1055 35.96 18.06 -5.68
CA THR A 1055 36.54 19.38 -5.47
C THR A 1055 36.13 19.99 -4.14
N ALA A 1056 35.51 19.23 -3.25
CA ALA A 1056 34.99 19.75 -2.00
C ALA A 1056 36.00 19.57 -0.87
N LEU A 1057 35.77 20.31 0.22
CA LEU A 1057 36.64 20.25 1.40
C LEU A 1057 36.22 19.13 2.35
N SER A 1058 34.98 19.19 2.84
CA SER A 1058 34.53 18.26 3.86
C SER A 1058 33.49 17.30 3.31
N PHE A 1059 33.56 16.06 3.74
CA PHE A 1059 32.65 15.01 3.26
C PHE A 1059 32.56 13.98 4.38
N GLN A 1060 31.47 14.02 5.15
CA GLN A 1060 31.36 13.07 6.24
C GLN A 1060 29.90 12.72 6.49
N LYS A 1061 29.66 11.45 6.78
CA LYS A 1061 28.33 10.97 7.12
C LYS A 1061 28.14 11.03 8.63
N TYR A 1062 26.95 11.46 9.04
CA TYR A 1062 26.60 11.54 10.45
C TYR A 1062 25.71 10.42 10.94
N GLN A 1063 25.10 10.69 12.09
CA GLN A 1063 24.17 9.82 12.77
C GLN A 1063 22.82 10.52 12.84
N ILE A 1064 21.81 9.76 13.18
CA ILE A 1064 20.50 10.34 13.47
C ILE A 1064 19.73 9.41 14.40
N ASP A 1065 19.13 9.99 15.43
CA ASP A 1065 18.18 9.22 16.21
C ASP A 1065 16.81 9.32 15.57
N GLU A 1066 15.90 8.42 15.96
CA GLU A 1066 14.55 8.45 15.43
C GLU A 1066 13.84 9.76 15.75
N LEU A 1067 14.18 10.36 16.90
CA LEU A 1067 13.62 11.66 17.26
C LEU A 1067 14.24 12.80 16.46
N GLY A 1068 15.49 12.66 16.01
CA GLY A 1068 16.23 13.76 15.44
C GLY A 1068 17.35 14.25 16.33
N LYS A 1069 17.35 13.86 17.61
CA LYS A 1069 18.42 14.25 18.51
C LYS A 1069 19.69 13.49 18.19
N GLU A 1070 20.78 13.90 18.83
CA GLU A 1070 22.06 13.19 18.77
C GLU A 1070 22.56 13.04 17.33
N ILE A 1071 22.83 14.18 16.70
CA ILE A 1071 23.41 14.23 15.37
C ILE A 1071 24.91 14.45 15.54
N ARG A 1072 25.71 13.42 15.26
CA ARG A 1072 27.15 13.49 15.42
C ARG A 1072 27.85 12.79 14.25
N PRO A 1073 29.01 13.32 13.82
CA PRO A 1073 29.69 12.76 12.65
C PRO A 1073 30.10 11.30 12.81
N CYS A 1074 30.74 10.75 11.79
CA CYS A 1074 31.22 9.37 11.84
C CYS A 1074 32.65 9.28 11.35
N ARG A 1075 33.46 8.53 12.08
CA ARG A 1075 34.76 8.07 11.61
C ARG A 1075 34.76 6.55 11.69
N LEU A 1076 35.14 5.90 10.59
CA LEU A 1076 35.20 4.46 10.51
C LEU A 1076 36.65 4.02 10.37
N LYS A 1077 36.85 2.80 10.81
CA LYS A 1077 38.14 2.23 10.83
C LYS A 1077 38.30 1.35 9.63
N LYS A 1078 38.36 0.05 9.88
CA LYS A 1078 38.59 -0.94 8.85
C LYS A 1078 37.43 -0.99 7.88
N ARG A 1079 37.74 -1.09 6.59
CA ARG A 1079 36.69 -1.16 5.59
C ARG A 1079 35.94 -2.49 5.67
N PRO A 1080 34.61 -2.46 5.67
CA PRO A 1080 33.83 -3.67 5.89
C PRO A 1080 33.84 -4.57 4.67
N PRO A 1081 33.59 -5.86 4.84
CA PRO A 1081 33.45 -6.75 3.69
C PRO A 1081 32.06 -6.61 3.06
N VAL A 1082 31.89 -7.29 1.93
CA VAL A 1082 30.61 -7.29 1.23
C VAL A 1082 29.84 -8.57 1.50
N ARG A 1083 30.32 -9.42 2.39
CA ARG A 1083 29.64 -10.67 2.72
C ARG A 1083 30.05 -11.19 4.10
#